data_7EEY
#
_entry.id   7EEY
#
_cell.length_a   62.527
_cell.length_b   65.602
_cell.length_c   65.642
_cell.angle_alpha   63.974
_cell.angle_beta   69.959
_cell.angle_gamma   73.565
#
_symmetry.space_group_name_H-M   'P 1'
#
loop_
_entity.id
_entity.type
_entity.pdbx_description
1 polymer 'tRNA-specific adenosine deaminase subunit tad2'
2 non-polymer 'SULFATE ION'
3 water water
#
_entity_poly.entity_id   1
_entity_poly.type   'polypeptide(L)'
_entity_poly.pdbx_seq_one_letter_code
;MAGDSVKSAIIGIAGGPFSGKTQLCEQLLERLKSSAPSTFSKLIHLTSFLYPNSVDRYALSSYDIEAFKKVLSLISQGAE
KICLPDGSCIKLPVDQNRIILIEGYYLLLPELLPYYTSKIFVYEDADTRLERCVLQRVKAEKGDLTKVLNDFVTLSKPAY
DSSIHPTRENADIILPQKENIDTALLFVSQHLQDILAEMNKT
;
_entity_poly.pdbx_strand_id   A,B,C,D
#
# COMPACT_ATOMS: atom_id res chain seq x y z
N VAL A 6 2.93 -10.62 -44.67
CA VAL A 6 4.09 -10.92 -45.51
C VAL A 6 5.30 -10.08 -45.11
N LYS A 7 5.10 -9.12 -44.20
CA LYS A 7 6.12 -8.15 -43.84
C LYS A 7 6.65 -8.41 -42.44
N SER A 8 7.97 -8.31 -42.27
CA SER A 8 8.64 -8.55 -41.01
C SER A 8 9.61 -7.41 -40.70
N ALA A 9 9.52 -6.87 -39.49
CA ALA A 9 10.40 -5.79 -39.04
C ALA A 9 11.32 -6.31 -37.94
N ILE A 10 12.63 -6.12 -38.11
CA ILE A 10 13.64 -6.58 -37.17
C ILE A 10 14.31 -5.36 -36.54
N ILE A 11 14.30 -5.31 -35.21
CA ILE A 11 14.83 -4.20 -34.43
C ILE A 11 15.96 -4.75 -33.57
N GLY A 12 17.20 -4.39 -33.91
CA GLY A 12 18.35 -4.76 -33.12
C GLY A 12 18.70 -3.67 -32.14
N ILE A 13 18.66 -4.00 -30.85
CA ILE A 13 19.05 -3.09 -29.78
C ILE A 13 20.25 -3.71 -29.08
N ALA A 14 21.43 -3.17 -29.33
CA ALA A 14 22.67 -3.63 -28.72
C ALA A 14 23.04 -2.72 -27.57
N GLY A 15 24.05 -3.14 -26.81
CA GLY A 15 24.52 -2.39 -25.66
C GLY A 15 25.50 -3.20 -24.84
N GLY A 16 26.26 -2.54 -23.98
CA GLY A 16 27.24 -3.21 -23.18
C GLY A 16 26.62 -3.96 -22.02
N PRO A 17 27.45 -4.68 -21.29
CA PRO A 17 26.98 -5.34 -20.07
C PRO A 17 26.42 -4.32 -19.08
N PHE A 18 25.21 -4.61 -18.58
CA PHE A 18 24.56 -3.77 -17.57
C PHE A 18 24.26 -2.39 -18.12
N SER A 19 23.91 -2.33 -19.41
CA SER A 19 23.41 -1.13 -20.04
C SER A 19 21.90 -1.00 -19.98
N GLY A 20 21.21 -2.03 -19.50
CA GLY A 20 19.77 -1.99 -19.42
C GLY A 20 19.05 -2.26 -20.73
N LYS A 21 19.77 -2.65 -21.78
CA LYS A 21 19.12 -2.89 -23.06
C LYS A 21 18.10 -4.02 -22.98
N THR A 22 18.35 -5.02 -22.12
CA THR A 22 17.42 -6.12 -21.98
C THR A 22 16.09 -5.65 -21.40
N GLN A 23 16.13 -4.89 -20.29
CA GLN A 23 14.91 -4.35 -19.71
C GLN A 23 14.23 -3.39 -20.68
N LEU A 24 15.02 -2.60 -21.41
CA LEU A 24 14.45 -1.73 -22.43
C LEU A 24 13.58 -2.53 -23.41
N CYS A 25 14.12 -3.64 -23.94
CA CYS A 25 13.34 -4.45 -24.88
C CYS A 25 12.17 -5.15 -24.21
N GLU A 26 12.32 -5.58 -22.95
CA GLU A 26 11.17 -6.17 -22.25
C GLU A 26 10.02 -5.16 -22.15
N GLN A 27 10.34 -3.90 -21.87
CA GLN A 27 9.32 -2.87 -21.77
C GLN A 27 8.69 -2.57 -23.13
N LEU A 28 9.52 -2.47 -24.18
CA LEU A 28 8.97 -2.27 -25.52
C LEU A 28 8.09 -3.44 -25.92
N LEU A 29 8.47 -4.65 -25.52
CA LEU A 29 7.68 -5.84 -25.80
C LEU A 29 6.32 -5.77 -25.13
N GLU A 30 6.29 -5.42 -23.84
CA GLU A 30 5.02 -5.29 -23.14
C GLU A 30 4.16 -4.18 -23.76
N ARG A 31 4.79 -3.09 -24.19
CA ARG A 31 4.03 -2.03 -24.84
C ARG A 31 3.42 -2.51 -26.16
N LEU A 32 4.15 -3.34 -26.91
CA LEU A 32 3.58 -3.93 -28.12
C LEU A 32 2.42 -4.87 -27.79
N LYS A 33 2.56 -5.65 -26.71
CA LYS A 33 1.49 -6.56 -26.32
C LYS A 33 0.22 -5.78 -25.94
N SER A 34 0.38 -4.69 -25.21
CA SER A 34 -0.79 -3.94 -24.75
C SER A 34 -1.40 -3.08 -25.85
N SER A 35 -0.60 -2.59 -26.79
CA SER A 35 -1.11 -1.61 -27.74
C SER A 35 -1.29 -2.13 -29.15
N ALA A 36 -0.72 -3.29 -29.50
CA ALA A 36 -0.83 -3.83 -30.85
C ALA A 36 -0.94 -5.36 -30.83
N PRO A 37 -1.99 -5.89 -30.20
CA PRO A 37 -2.14 -7.36 -30.16
C PRO A 37 -2.38 -7.96 -31.54
N SER A 38 -2.96 -7.21 -32.47
CA SER A 38 -3.20 -7.74 -33.81
C SER A 38 -1.91 -7.94 -34.59
N THR A 39 -0.80 -7.35 -34.14
CA THR A 39 0.51 -7.60 -34.73
C THR A 39 1.28 -8.60 -33.87
N PHE A 40 1.94 -9.54 -34.54
CA PHE A 40 2.77 -10.51 -33.85
C PHE A 40 4.07 -9.86 -33.37
N SER A 41 4.37 -10.00 -32.09
CA SER A 41 5.58 -9.43 -31.50
C SER A 41 6.33 -10.49 -30.72
N LYS A 42 7.64 -10.49 -30.85
CA LYS A 42 8.49 -11.48 -30.19
C LYS A 42 9.84 -10.85 -29.89
N LEU A 43 10.41 -11.22 -28.74
CA LEU A 43 11.71 -10.75 -28.32
C LEU A 43 12.70 -11.91 -28.31
N ILE A 44 13.80 -11.75 -29.03
CA ILE A 44 14.86 -12.76 -29.09
C ILE A 44 16.07 -12.24 -28.34
N HIS A 45 16.66 -13.09 -27.50
CA HIS A 45 17.87 -12.76 -26.77
C HIS A 45 19.06 -13.42 -27.47
N LEU A 46 20.12 -12.64 -27.71
CA LEU A 46 21.31 -13.20 -28.31
C LEU A 46 21.93 -14.29 -27.43
N THR A 47 21.65 -14.30 -26.13
CA THR A 47 22.14 -15.35 -25.25
C THR A 47 21.56 -16.72 -25.64
N SER A 48 20.47 -16.75 -26.39
CA SER A 48 19.96 -17.99 -26.96
C SER A 48 20.94 -18.64 -27.93
N PHE A 49 22.03 -17.95 -28.28
CA PHE A 49 23.03 -18.43 -29.21
C PHE A 49 24.39 -18.63 -28.54
N LEU A 50 24.40 -18.67 -27.21
CA LEU A 50 25.62 -19.05 -26.49
C LEU A 50 25.97 -20.50 -26.79
N TYR A 51 27.26 -20.78 -26.82
CA TYR A 51 27.71 -22.15 -26.91
C TYR A 51 27.43 -22.88 -25.60
N PRO A 52 27.26 -24.20 -25.65
CA PRO A 52 26.93 -24.95 -24.44
C PRO A 52 27.97 -24.75 -23.34
N ASN A 53 27.48 -24.51 -22.12
CA ASN A 53 28.31 -24.42 -20.92
C ASN A 53 29.43 -23.41 -21.06
N SER A 54 29.13 -22.30 -21.73
CA SER A 54 30.08 -21.20 -21.83
C SER A 54 30.22 -20.52 -20.48
N VAL A 55 31.45 -20.49 -19.94
CA VAL A 55 31.66 -19.85 -18.65
C VAL A 55 31.52 -18.35 -18.75
N ASP A 56 31.87 -17.77 -19.90
CA ASP A 56 31.91 -16.33 -20.10
C ASP A 56 30.78 -15.93 -21.05
N ARG A 57 29.71 -15.34 -20.49
CA ARG A 57 28.59 -14.89 -21.30
C ARG A 57 28.89 -13.58 -22.04
N TYR A 58 29.92 -12.84 -21.64
CA TYR A 58 30.26 -11.58 -22.29
C TYR A 58 31.12 -11.75 -23.53
N ALA A 59 31.98 -12.77 -23.56
CA ALA A 59 32.99 -12.87 -24.60
C ALA A 59 32.36 -13.20 -25.95
N LEU A 60 32.87 -12.54 -27.01
CA LEU A 60 32.38 -12.80 -28.35
C LEU A 60 32.56 -14.27 -28.74
N SER A 61 33.67 -14.88 -28.29
CA SER A 61 33.96 -16.26 -28.63
C SER A 61 32.89 -17.23 -28.11
N SER A 62 32.06 -16.79 -27.16
CA SER A 62 31.03 -17.63 -26.59
C SER A 62 29.75 -17.68 -27.43
N TYR A 63 29.72 -17.00 -28.56
CA TYR A 63 28.48 -16.81 -29.32
C TYR A 63 28.59 -17.46 -30.69
N ASP A 64 27.58 -18.26 -31.03
CA ASP A 64 27.45 -18.87 -32.36
C ASP A 64 26.86 -17.82 -33.29
N ILE A 65 27.74 -16.98 -33.82
CA ILE A 65 27.27 -15.82 -34.59
C ILE A 65 26.67 -16.25 -35.92
N GLU A 66 27.21 -17.30 -36.54
CA GLU A 66 26.68 -17.74 -37.83
C GLU A 66 25.28 -18.31 -37.69
N ALA A 67 25.02 -19.05 -36.62
CA ALA A 67 23.66 -19.51 -36.34
C ALA A 67 22.70 -18.33 -36.22
N PHE A 68 23.15 -17.25 -35.56
CA PHE A 68 22.32 -16.07 -35.44
C PHE A 68 22.09 -15.40 -36.79
N LYS A 69 23.13 -15.37 -37.64
CA LYS A 69 22.96 -14.77 -38.96
C LYS A 69 21.93 -15.54 -39.78
N LYS A 70 21.92 -16.88 -39.65
CA LYS A 70 20.96 -17.65 -40.44
C LYS A 70 19.54 -17.50 -39.88
N VAL A 71 19.39 -17.41 -38.56
CA VAL A 71 18.06 -17.12 -38.02
C VAL A 71 17.57 -15.75 -38.51
N LEU A 72 18.46 -14.76 -38.51
CA LEU A 72 18.11 -13.45 -39.03
C LEU A 72 17.71 -13.52 -40.50
N SER A 73 18.48 -14.26 -41.31
CA SER A 73 18.17 -14.37 -42.74
C SER A 73 16.83 -15.03 -42.97
N LEU A 74 16.51 -16.06 -42.18
CA LEU A 74 15.23 -16.73 -42.32
C LEU A 74 14.08 -15.82 -41.94
N ILE A 75 14.26 -15.02 -40.87
CA ILE A 75 13.22 -14.06 -40.51
C ILE A 75 13.04 -13.03 -41.63
N SER A 76 14.14 -12.59 -42.25
CA SER A 76 14.05 -11.62 -43.32
C SER A 76 13.31 -12.18 -44.53
N GLN A 77 13.49 -13.47 -44.81
CA GLN A 77 12.85 -14.10 -45.95
C GLN A 77 11.42 -14.54 -45.67
N GLY A 78 10.91 -14.31 -44.46
CA GLY A 78 9.55 -14.65 -44.15
C GLY A 78 9.32 -16.08 -43.68
N ALA A 79 10.35 -16.73 -43.15
CA ALA A 79 10.20 -18.10 -42.65
C ALA A 79 9.13 -18.16 -41.58
N GLU A 80 8.52 -19.33 -41.45
CA GLU A 80 7.42 -19.57 -40.52
C GLU A 80 7.87 -20.23 -39.23
N LYS A 81 9.01 -20.90 -39.24
CA LYS A 81 9.56 -21.57 -38.07
C LYS A 81 11.05 -21.31 -38.03
N ILE A 82 11.55 -20.94 -36.86
CA ILE A 82 12.99 -20.79 -36.66
C ILE A 82 13.37 -21.57 -35.41
N CYS A 83 14.48 -22.27 -35.48
CA CYS A 83 14.97 -23.00 -34.32
C CYS A 83 16.28 -22.38 -33.85
N LEU A 84 16.48 -22.39 -32.55
CA LEU A 84 17.62 -21.72 -31.93
C LEU A 84 18.63 -22.76 -31.41
N PRO A 85 19.90 -22.37 -31.30
CA PRO A 85 20.86 -23.22 -30.58
C PRO A 85 20.41 -23.51 -29.16
N ASP A 86 19.53 -22.67 -28.60
CA ASP A 86 18.84 -22.93 -27.35
C ASP A 86 18.17 -24.30 -27.32
N GLY A 87 17.88 -24.88 -28.49
CA GLY A 87 17.05 -26.07 -28.62
C GLY A 87 15.59 -25.74 -28.85
N SER A 88 15.18 -24.54 -28.48
CA SER A 88 13.82 -24.08 -28.60
C SER A 88 13.55 -23.65 -30.04
N CYS A 89 12.29 -23.72 -30.44
CA CYS A 89 11.86 -23.28 -31.77
C CYS A 89 10.62 -22.38 -31.63
N ILE A 90 10.57 -21.32 -32.45
CA ILE A 90 9.45 -20.39 -32.47
C ILE A 90 8.76 -20.45 -33.83
N LYS A 91 7.43 -20.44 -33.80
CA LYS A 91 6.63 -20.28 -35.00
C LYS A 91 6.32 -18.79 -35.19
N LEU A 92 6.64 -18.27 -36.36
CA LEU A 92 6.30 -16.90 -36.72
C LEU A 92 5.15 -16.95 -37.71
N PRO A 93 3.98 -16.41 -37.38
CA PRO A 93 2.83 -16.54 -38.28
C PRO A 93 3.05 -15.84 -39.61
N VAL A 94 2.50 -16.44 -40.67
CA VAL A 94 2.55 -15.86 -42.01
C VAL A 94 1.23 -15.21 -42.40
N ASP A 95 0.26 -15.13 -41.49
CA ASP A 95 -0.98 -14.39 -41.70
C ASP A 95 -1.03 -13.14 -40.82
N GLN A 96 0.12 -12.65 -40.39
CA GLN A 96 0.25 -11.45 -39.58
C GLN A 96 1.53 -10.73 -39.98
N ASN A 97 1.54 -9.42 -39.83
CA ASN A 97 2.79 -8.69 -39.88
C ASN A 97 3.61 -9.00 -38.63
N ARG A 98 4.93 -8.94 -38.76
CA ARG A 98 5.81 -9.40 -37.69
C ARG A 98 6.79 -8.31 -37.29
N ILE A 99 6.94 -8.14 -36.00
CA ILE A 99 7.81 -7.13 -35.40
C ILE A 99 8.68 -7.88 -34.38
N ILE A 100 9.97 -8.02 -34.70
CA ILE A 100 10.88 -8.84 -33.90
C ILE A 100 11.87 -7.92 -33.20
N LEU A 101 11.82 -7.90 -31.88
CA LEU A 101 12.84 -7.22 -31.08
C LEU A 101 13.95 -8.20 -30.78
N ILE A 102 15.20 -7.78 -30.99
CA ILE A 102 16.37 -8.60 -30.69
C ILE A 102 17.33 -7.79 -29.83
N GLU A 103 17.92 -8.46 -28.84
CA GLU A 103 18.73 -7.81 -27.82
C GLU A 103 20.01 -8.62 -27.61
N GLY A 104 21.14 -7.93 -27.51
CA GLY A 104 22.38 -8.64 -27.27
C GLY A 104 23.59 -7.75 -27.48
N TYR A 105 24.75 -8.30 -27.11
CA TYR A 105 25.99 -7.53 -27.15
C TYR A 105 26.48 -7.30 -28.57
N TYR A 106 26.37 -8.33 -29.43
CA TYR A 106 27.08 -8.34 -30.71
C TYR A 106 26.14 -8.24 -31.90
N LEU A 107 24.97 -7.64 -31.72
CA LEU A 107 24.01 -7.51 -32.81
C LEU A 107 24.58 -6.70 -33.96
N LEU A 108 25.49 -5.77 -33.68
CA LEU A 108 25.97 -4.81 -34.68
C LEU A 108 27.33 -5.18 -35.25
N LEU A 109 27.67 -6.47 -35.27
CA LEU A 109 28.81 -6.90 -36.08
C LEU A 109 28.50 -6.64 -37.56
N PRO A 110 29.52 -6.27 -38.35
CA PRO A 110 29.25 -5.92 -39.76
C PRO A 110 28.38 -6.92 -40.53
N GLU A 111 28.72 -8.21 -40.50
CA GLU A 111 27.98 -9.17 -41.32
C GLU A 111 26.50 -9.25 -40.96
N LEU A 112 26.11 -8.81 -39.75
CA LEU A 112 24.71 -8.84 -39.36
C LEU A 112 23.95 -7.58 -39.75
N LEU A 113 24.65 -6.48 -40.05
CA LEU A 113 23.96 -5.20 -40.25
C LEU A 113 22.83 -5.24 -41.28
N PRO A 114 22.95 -5.91 -42.44
CA PRO A 114 21.92 -5.74 -43.48
C PRO A 114 20.54 -6.28 -43.12
N TYR A 115 20.41 -7.12 -42.10
CA TYR A 115 19.12 -7.78 -41.86
C TYR A 115 18.16 -6.95 -41.02
N TYR A 116 18.63 -5.90 -40.36
CA TYR A 116 17.82 -5.16 -39.41
C TYR A 116 16.98 -4.09 -40.10
N THR A 117 15.74 -3.93 -39.63
CA THR A 117 14.96 -2.75 -40.00
C THR A 117 15.44 -1.53 -39.23
N SER A 118 15.85 -1.71 -37.97
CA SER A 118 16.44 -0.60 -37.23
C SER A 118 17.58 -1.09 -36.34
N LYS A 119 18.57 -0.22 -36.15
CA LYS A 119 19.78 -0.54 -35.39
C LYS A 119 20.01 0.53 -34.35
N ILE A 120 19.95 0.13 -33.08
CA ILE A 120 20.03 1.02 -31.94
C ILE A 120 21.09 0.51 -31.00
N PHE A 121 21.90 1.41 -30.46
CA PHE A 121 22.88 1.06 -29.44
C PHE A 121 22.59 1.90 -28.20
N VAL A 122 22.36 1.23 -27.08
CA VAL A 122 22.14 1.88 -25.80
C VAL A 122 23.50 2.16 -25.18
N TYR A 123 23.89 3.43 -25.13
CA TYR A 123 25.25 3.79 -24.72
C TYR A 123 25.27 4.31 -23.29
N GLU A 124 26.18 3.79 -22.48
CA GLU A 124 26.58 4.45 -21.24
C GLU A 124 28.07 4.27 -21.02
N ASP A 125 28.63 5.19 -20.24
CA ASP A 125 30.01 5.11 -19.83
C ASP A 125 30.23 3.90 -18.93
N ALA A 126 31.48 3.43 -18.91
CA ALA A 126 31.79 2.19 -18.21
C ALA A 126 31.58 2.32 -16.71
N ASP A 127 31.84 3.49 -16.13
CA ASP A 127 31.60 3.63 -14.69
C ASP A 127 30.10 3.63 -14.39
N THR A 128 29.29 4.23 -15.26
CA THR A 128 27.84 4.15 -15.09
C THR A 128 27.37 2.71 -15.13
N ARG A 129 27.91 1.92 -16.06
CA ARG A 129 27.49 0.54 -16.20
C ARG A 129 27.96 -0.31 -15.02
N LEU A 130 29.16 -0.04 -14.51
CA LEU A 130 29.61 -0.73 -13.30
C LEU A 130 28.75 -0.37 -12.10
N GLU A 131 28.33 0.89 -12.00
CA GLU A 131 27.44 1.29 -10.93
C GLU A 131 26.12 0.52 -10.99
N ARG A 132 25.54 0.43 -12.20
CA ARG A 132 24.34 -0.38 -12.36
C ARG A 132 24.59 -1.83 -11.95
N CYS A 133 25.74 -2.37 -12.36
CA CYS A 133 26.09 -3.75 -12.04
C CYS A 133 26.11 -3.98 -10.53
N VAL A 134 26.73 -3.08 -9.77
CA VAL A 134 26.80 -3.30 -8.32
C VAL A 134 25.44 -3.04 -7.67
N LEU A 135 24.68 -2.06 -8.15
CA LEU A 135 23.39 -1.77 -7.53
C LEU A 135 22.42 -2.93 -7.72
N GLN A 136 22.51 -3.62 -8.85
CA GLN A 136 21.71 -4.83 -9.04
C GLN A 136 22.29 -6.00 -8.25
N ARG A 137 23.55 -6.34 -8.53
CA ARG A 137 24.08 -7.63 -8.06
C ARG A 137 24.43 -7.59 -6.58
N VAL A 138 24.89 -6.46 -6.06
CA VAL A 138 25.31 -6.35 -4.67
C VAL A 138 24.20 -5.81 -3.78
N LYS A 139 23.68 -4.61 -4.11
CA LYS A 139 22.71 -3.98 -3.21
C LYS A 139 21.39 -4.72 -3.21
N ALA A 140 20.95 -5.24 -4.37
CA ALA A 140 19.66 -5.92 -4.47
C ALA A 140 19.79 -7.42 -4.24
N GLU A 141 20.65 -8.10 -5.01
CA GLU A 141 20.81 -9.54 -4.90
C GLU A 141 21.70 -9.96 -3.74
N LYS A 142 22.31 -9.01 -3.03
CA LYS A 142 23.15 -9.28 -1.86
C LYS A 142 24.33 -10.18 -2.19
N GLY A 143 24.84 -10.08 -3.41
CA GLY A 143 26.05 -10.78 -3.78
C GLY A 143 27.27 -10.17 -3.14
N ASP A 144 28.39 -10.88 -3.24
CA ASP A 144 29.64 -10.41 -2.67
C ASP A 144 30.20 -9.30 -3.55
N LEU A 145 30.45 -8.14 -2.94
CA LEU A 145 30.95 -6.99 -3.70
C LEU A 145 32.21 -7.33 -4.48
N THR A 146 33.16 -8.03 -3.85
CA THR A 146 34.41 -8.35 -4.51
C THR A 146 34.20 -9.23 -5.73
N LYS A 147 33.39 -10.29 -5.59
CA LYS A 147 33.17 -11.21 -6.70
C LYS A 147 32.44 -10.54 -7.85
N VAL A 148 31.47 -9.66 -7.54
CA VAL A 148 30.75 -8.93 -8.58
C VAL A 148 31.69 -8.01 -9.34
N LEU A 149 32.48 -7.22 -8.60
CA LEU A 149 33.46 -6.35 -9.23
C LEU A 149 34.43 -7.15 -10.10
N ASN A 150 34.84 -8.32 -9.62
CA ASN A 150 35.76 -9.15 -10.39
C ASN A 150 35.12 -9.66 -11.67
N ASP A 151 33.87 -10.11 -11.60
CA ASP A 151 33.17 -10.53 -12.80
C ASP A 151 33.10 -9.39 -13.81
N PHE A 152 32.74 -8.19 -13.34
CA PHE A 152 32.63 -7.06 -14.27
C PHE A 152 33.97 -6.73 -14.91
N VAL A 153 35.02 -6.61 -14.10
CA VAL A 153 36.26 -6.02 -14.59
C VAL A 153 37.11 -7.05 -15.34
N THR A 154 37.13 -8.30 -14.89
CA THR A 154 37.98 -9.29 -15.56
C THR A 154 37.29 -9.99 -16.73
N LEU A 155 35.97 -10.10 -16.73
CA LEU A 155 35.27 -10.81 -17.79
C LEU A 155 34.47 -9.89 -18.71
N SER A 156 33.65 -9.00 -18.16
CA SER A 156 32.80 -8.17 -19.02
C SER A 156 33.59 -7.05 -19.67
N LYS A 157 34.55 -6.47 -18.94
CA LYS A 157 35.26 -5.29 -19.46
C LYS A 157 36.15 -5.60 -20.65
N PRO A 158 36.98 -6.67 -20.65
CA PRO A 158 37.75 -6.97 -21.87
C PRO A 158 36.85 -7.23 -23.06
N ALA A 159 35.75 -7.96 -22.85
CA ALA A 159 34.79 -8.22 -23.91
C ALA A 159 34.24 -6.92 -24.48
N TYR A 160 33.77 -6.01 -23.62
CA TYR A 160 33.21 -4.76 -24.11
C TYR A 160 34.26 -3.92 -24.82
N ASP A 161 35.44 -3.80 -24.21
CA ASP A 161 36.46 -2.91 -24.76
C ASP A 161 36.92 -3.39 -26.13
N SER A 162 37.08 -4.70 -26.31
CA SER A 162 37.66 -5.18 -27.57
C SER A 162 36.62 -5.57 -28.62
N SER A 163 35.38 -5.85 -28.23
CA SER A 163 34.48 -6.47 -29.19
C SER A 163 33.10 -5.83 -29.29
N ILE A 164 32.62 -5.21 -28.21
CA ILE A 164 31.30 -4.57 -28.28
C ILE A 164 31.45 -3.12 -28.67
N HIS A 165 32.24 -2.37 -27.90
CA HIS A 165 32.41 -0.93 -28.11
C HIS A 165 32.63 -0.53 -29.56
N PRO A 166 33.59 -1.12 -30.31
CA PRO A 166 33.78 -0.67 -31.70
C PRO A 166 32.58 -0.86 -32.61
N THR A 167 31.63 -1.74 -32.28
CA THR A 167 30.46 -1.87 -33.13
C THR A 167 29.43 -0.75 -32.91
N ARG A 168 29.61 0.10 -31.90
CA ARG A 168 28.54 1.04 -31.55
C ARG A 168 28.23 2.00 -32.68
N GLU A 169 29.20 2.29 -33.55
CA GLU A 169 28.97 3.23 -34.64
C GLU A 169 28.31 2.59 -35.86
N ASN A 170 28.05 1.29 -35.81
CA ASN A 170 27.24 0.64 -36.85
C ASN A 170 25.75 0.86 -36.63
N ALA A 171 25.34 1.31 -35.45
CA ALA A 171 23.94 1.61 -35.21
C ALA A 171 23.48 2.78 -36.06
N ASP A 172 22.19 2.80 -36.37
CA ASP A 172 21.59 4.00 -36.92
C ASP A 172 21.41 5.06 -35.82
N ILE A 173 20.99 4.63 -34.64
CA ILE A 173 20.76 5.57 -33.54
C ILE A 173 21.47 5.07 -32.29
N ILE A 174 22.21 5.98 -31.65
CA ILE A 174 22.83 5.74 -30.35
C ILE A 174 22.03 6.50 -29.31
N LEU A 175 21.48 5.78 -28.33
CA LEU A 175 20.73 6.44 -27.28
C LEU A 175 21.59 6.53 -26.03
N PRO A 176 22.09 7.71 -25.67
CA PRO A 176 22.77 7.87 -24.39
C PRO A 176 21.76 7.71 -23.27
N GLN A 177 22.04 6.82 -22.34
CA GLN A 177 21.05 6.44 -21.34
C GLN A 177 21.21 7.31 -20.10
N LYS A 178 20.07 7.82 -19.61
CA LYS A 178 20.00 8.61 -18.40
C LYS A 178 19.14 7.86 -17.40
N GLU A 179 19.64 7.70 -16.19
CA GLU A 179 18.89 7.04 -15.15
C GLU A 179 18.60 8.03 -14.03
N ASP A 182 14.52 5.91 -19.16
CA ASP A 182 13.17 6.33 -19.47
C ASP A 182 13.14 6.99 -20.85
N THR A 183 14.17 7.79 -21.09
CA THR A 183 14.31 8.51 -22.35
C THR A 183 14.34 7.55 -23.55
N ALA A 184 15.21 6.53 -23.47
CA ALA A 184 15.36 5.59 -24.59
C ALA A 184 14.07 4.82 -24.85
N LEU A 185 13.37 4.46 -23.77
CA LEU A 185 12.10 3.77 -23.91
C LEU A 185 11.09 4.57 -24.71
N LEU A 186 10.95 5.86 -24.39
CA LEU A 186 10.00 6.70 -25.11
C LEU A 186 10.38 6.83 -26.57
N PHE A 187 11.66 7.07 -26.86
CA PHE A 187 12.07 7.19 -28.25
C PHE A 187 11.79 5.90 -29.03
N VAL A 188 12.16 4.75 -28.47
CA VAL A 188 12.05 3.53 -29.25
C VAL A 188 10.59 3.09 -29.38
N SER A 189 9.75 3.37 -28.39
CA SER A 189 8.33 3.05 -28.54
C SER A 189 7.68 3.91 -29.61
N GLN A 190 8.02 5.21 -29.64
CA GLN A 190 7.51 6.04 -30.74
C GLN A 190 7.99 5.53 -32.09
N HIS A 191 9.25 5.10 -32.15
CA HIS A 191 9.80 4.51 -33.37
C HIS A 191 9.00 3.28 -33.80
N LEU A 192 8.62 2.43 -32.84
CA LEU A 192 7.85 1.25 -33.18
C LEU A 192 6.45 1.59 -33.64
N GLN A 193 5.83 2.63 -33.09
CA GLN A 193 4.55 3.08 -33.62
C GLN A 193 4.66 3.48 -35.08
N ASP A 194 5.70 4.26 -35.40
CA ASP A 194 5.91 4.65 -36.79
C ASP A 194 6.12 3.43 -37.69
N ILE A 195 6.91 2.46 -37.22
CA ILE A 195 7.18 1.26 -38.02
C ILE A 195 5.91 0.46 -38.25
N LEU A 196 5.09 0.30 -37.19
CA LEU A 196 3.85 -0.45 -37.32
C LEU A 196 2.91 0.21 -38.32
N ALA A 197 2.80 1.54 -38.27
CA ALA A 197 1.94 2.22 -39.23
C ALA A 197 2.44 2.04 -40.65
N GLU A 198 3.75 2.17 -40.87
CA GLU A 198 4.28 2.00 -42.21
C GLU A 198 4.11 0.57 -42.72
N MET A 199 4.19 -0.42 -41.83
CA MET A 199 4.04 -1.80 -42.26
C MET A 199 2.59 -2.15 -42.61
N ASN A 200 1.63 -1.41 -42.07
CA ASN A 200 0.22 -1.62 -42.41
C ASN A 200 -0.12 -0.93 -43.73
N LYS B 7 9.33 -14.62 -2.40
CA LYS B 7 9.50 -15.52 -3.52
C LYS B 7 8.46 -15.28 -4.62
N SER B 8 7.18 -15.25 -4.25
CA SER B 8 6.10 -15.13 -5.22
C SER B 8 5.12 -14.05 -4.78
N ALA B 9 4.76 -13.16 -5.70
CA ALA B 9 3.77 -12.12 -5.45
C ALA B 9 2.84 -12.01 -6.65
N ILE B 10 1.53 -12.04 -6.39
CA ILE B 10 0.52 -11.87 -7.43
C ILE B 10 -0.36 -10.68 -7.07
N ILE B 11 -0.39 -9.70 -7.96
CA ILE B 11 -1.10 -8.44 -7.78
C ILE B 11 -2.20 -8.39 -8.83
N GLY B 12 -3.46 -8.44 -8.38
CA GLY B 12 -4.59 -8.32 -9.27
C GLY B 12 -5.13 -6.91 -9.23
N ILE B 13 -5.16 -6.26 -10.39
CA ILE B 13 -5.71 -4.92 -10.53
C ILE B 13 -6.89 -5.01 -11.50
N ALA B 14 -8.10 -4.95 -10.94
CA ALA B 14 -9.33 -4.98 -11.72
C ALA B 14 -9.86 -3.57 -11.92
N GLY B 15 -10.91 -3.49 -12.71
CA GLY B 15 -11.53 -2.22 -13.07
C GLY B 15 -12.45 -2.40 -14.25
N GLY B 16 -13.35 -1.44 -14.41
CA GLY B 16 -14.29 -1.47 -15.50
C GLY B 16 -13.66 -1.13 -16.82
N PRO B 17 -14.46 -1.21 -17.89
CA PRO B 17 -13.97 -0.81 -19.21
C PRO B 17 -13.52 0.64 -19.22
N PHE B 18 -12.36 0.87 -19.84
CA PHE B 18 -11.82 2.21 -20.06
C PHE B 18 -11.57 2.93 -18.75
N SER B 19 -11.05 2.19 -17.77
CA SER B 19 -10.67 2.74 -16.48
C SER B 19 -9.17 3.00 -16.36
N GLY B 20 -8.40 2.67 -17.39
CA GLY B 20 -6.97 2.92 -17.35
C GLY B 20 -6.17 1.96 -16.51
N LYS B 21 -6.76 0.83 -16.09
CA LYS B 21 -6.00 -0.16 -15.34
C LYS B 21 -4.88 -0.75 -16.19
N THR B 22 -5.08 -0.84 -17.51
CA THR B 22 -4.05 -1.39 -18.38
C THR B 22 -2.84 -0.46 -18.45
N GLN B 23 -3.09 0.84 -18.66
CA GLN B 23 -1.98 1.79 -18.72
C GLN B 23 -1.24 1.85 -17.40
N LEU B 24 -1.99 1.87 -16.29
CA LEU B 24 -1.38 1.85 -14.96
C LEU B 24 -0.50 0.62 -14.77
N CYS B 25 -1.01 -0.56 -15.14
CA CYS B 25 -0.25 -1.79 -14.97
C CYS B 25 0.97 -1.83 -15.89
N GLU B 26 0.84 -1.30 -17.10
CA GLU B 26 1.96 -1.23 -18.02
C GLU B 26 3.09 -0.38 -17.45
N GLN B 27 2.74 0.79 -16.90
CA GLN B 27 3.76 1.64 -16.31
C GLN B 27 4.34 1.04 -15.03
N LEU B 28 3.52 0.31 -14.27
CA LEU B 28 4.05 -0.41 -13.11
C LEU B 28 5.05 -1.48 -13.54
N LEU B 29 4.72 -2.23 -14.61
CA LEU B 29 5.62 -3.25 -15.12
C LEU B 29 6.93 -2.66 -15.59
N GLU B 30 6.88 -1.52 -16.29
CA GLU B 30 8.11 -0.90 -16.76
C GLU B 30 8.94 -0.35 -15.61
N ARG B 31 8.27 0.22 -14.60
CA ARG B 31 8.97 0.62 -13.39
C ARG B 31 9.63 -0.56 -12.69
N LEU B 32 8.99 -1.73 -12.74
CA LEU B 32 9.60 -2.94 -12.17
C LEU B 32 10.81 -3.37 -12.96
N LYS B 33 10.75 -3.26 -14.30
CA LYS B 33 11.89 -3.59 -15.13
C LYS B 33 13.10 -2.73 -14.78
N SER B 34 12.86 -1.43 -14.56
CA SER B 34 13.99 -0.56 -14.26
C SER B 34 14.48 -0.71 -12.83
N SER B 35 13.57 -0.84 -11.87
CA SER B 35 13.92 -0.72 -10.45
C SER B 35 14.25 -2.05 -9.77
N ALA B 36 13.80 -3.18 -10.32
CA ALA B 36 14.10 -4.49 -9.75
C ALA B 36 14.41 -5.47 -10.88
N PRO B 37 15.47 -5.22 -11.64
CA PRO B 37 15.75 -6.09 -12.79
C PRO B 37 16.10 -7.50 -12.39
N SER B 38 16.69 -7.68 -11.21
CA SER B 38 16.96 -9.01 -10.69
C SER B 38 15.70 -9.74 -10.28
N THR B 39 14.60 -9.03 -10.06
CA THR B 39 13.32 -9.65 -9.75
C THR B 39 12.51 -9.81 -11.04
N PHE B 40 12.03 -11.03 -11.27
CA PHE B 40 11.27 -11.35 -12.48
C PHE B 40 9.89 -10.71 -12.40
N SER B 41 9.55 -9.90 -13.40
CA SER B 41 8.28 -9.20 -13.44
C SER B 41 7.58 -9.50 -14.76
N LYS B 42 6.26 -9.74 -14.70
CA LYS B 42 5.48 -10.07 -15.87
C LYS B 42 4.05 -9.54 -15.69
N LEU B 43 3.48 -9.01 -16.77
CA LEU B 43 2.12 -8.49 -16.76
C LEU B 43 1.23 -9.41 -17.59
N ILE B 44 0.21 -9.96 -16.95
CA ILE B 44 -0.74 -10.86 -17.59
C ILE B 44 -2.04 -10.10 -17.82
N HIS B 45 -2.53 -10.13 -19.07
CA HIS B 45 -3.79 -9.51 -19.42
C HIS B 45 -4.88 -10.57 -19.45
N LEU B 46 -5.99 -10.28 -18.76
CA LEU B 46 -7.13 -11.19 -18.81
C LEU B 46 -7.68 -11.34 -20.22
N THR B 47 -7.46 -10.36 -21.10
CA THR B 47 -7.93 -10.51 -22.48
C THR B 47 -7.23 -11.64 -23.21
N SER B 48 -6.07 -12.08 -22.74
CA SER B 48 -5.42 -13.27 -23.28
C SER B 48 -6.21 -14.55 -23.00
N PHE B 49 -7.28 -14.45 -22.21
CA PHE B 49 -8.14 -15.58 -21.90
C PHE B 49 -9.52 -15.43 -22.53
N LEU B 50 -9.64 -14.60 -23.55
CA LEU B 50 -10.90 -14.49 -24.27
C LEU B 50 -11.17 -15.76 -25.08
N TYR B 51 -12.44 -16.11 -25.19
CA TYR B 51 -12.83 -17.22 -26.04
C TYR B 51 -12.62 -16.84 -27.50
N PRO B 52 -12.46 -17.83 -28.39
CA PRO B 52 -12.21 -17.51 -29.80
C PRO B 52 -13.34 -16.69 -30.40
N ASN B 53 -12.97 -15.76 -31.29
CA ASN B 53 -13.92 -14.98 -32.08
C ASN B 53 -14.91 -14.21 -31.20
N SER B 54 -14.41 -13.63 -30.12
CA SER B 54 -15.27 -12.88 -29.21
C SER B 54 -15.55 -11.50 -29.79
N VAL B 55 -16.80 -11.26 -30.18
CA VAL B 55 -17.21 -9.93 -30.61
C VAL B 55 -17.36 -9.01 -29.40
N ASP B 56 -17.76 -9.57 -28.26
CA ASP B 56 -17.94 -8.83 -27.01
C ASP B 56 -16.75 -9.17 -26.12
N ARG B 57 -15.79 -8.24 -26.04
CA ARG B 57 -14.64 -8.44 -25.17
C ARG B 57 -14.94 -8.12 -23.72
N TYR B 58 -16.11 -7.54 -23.43
CA TYR B 58 -16.44 -7.12 -22.09
C TYR B 58 -17.20 -8.17 -21.29
N ALA B 59 -18.00 -9.00 -21.95
CA ALA B 59 -18.89 -9.91 -21.26
C ALA B 59 -18.12 -11.02 -20.55
N LEU B 60 -18.59 -11.38 -19.34
CA LEU B 60 -18.00 -12.48 -18.60
C LEU B 60 -18.02 -13.78 -19.41
N SER B 61 -19.12 -14.01 -20.15
CA SER B 61 -19.28 -15.26 -20.89
C SER B 61 -18.22 -15.46 -21.96
N SER B 62 -17.55 -14.38 -22.40
CA SER B 62 -16.48 -14.49 -23.38
C SER B 62 -15.13 -14.83 -22.76
N TYR B 63 -15.06 -15.02 -21.45
CA TYR B 63 -13.80 -15.25 -20.75
C TYR B 63 -13.72 -16.69 -20.25
N ASP B 64 -12.63 -17.37 -20.60
CA ASP B 64 -12.33 -18.70 -20.08
C ASP B 64 -11.76 -18.54 -18.67
N ILE B 65 -12.67 -18.41 -17.71
CA ILE B 65 -12.26 -18.17 -16.33
C ILE B 65 -11.54 -19.37 -15.74
N GLU B 66 -12.01 -20.59 -16.05
CA GLU B 66 -11.37 -21.79 -15.51
C GLU B 66 -9.91 -21.89 -15.95
N ALA B 67 -9.64 -21.56 -17.22
CA ALA B 67 -8.26 -21.50 -17.69
C ALA B 67 -7.45 -20.49 -16.90
N PHE B 68 -8.05 -19.34 -16.58
CA PHE B 68 -7.34 -18.33 -15.81
C PHE B 68 -7.02 -18.82 -14.41
N LYS B 69 -7.95 -19.55 -13.78
CA LYS B 69 -7.69 -20.06 -12.45
C LYS B 69 -6.57 -21.10 -12.47
N LYS B 70 -6.52 -21.90 -13.53
CA LYS B 70 -5.44 -22.88 -13.64
C LYS B 70 -4.09 -22.21 -13.84
N VAL B 71 -4.04 -21.13 -14.63
CA VAL B 71 -2.79 -20.37 -14.74
C VAL B 71 -2.40 -19.77 -13.38
N LEU B 72 -3.39 -19.24 -12.65
CA LEU B 72 -3.14 -18.72 -11.31
C LEU B 72 -2.52 -19.79 -10.40
N SER B 73 -3.13 -20.98 -10.40
CA SER B 73 -2.64 -22.06 -9.56
C SER B 73 -1.24 -22.50 -9.98
N LEU B 74 -0.96 -22.48 -11.29
CA LEU B 74 0.36 -22.88 -11.76
C LEU B 74 1.43 -21.88 -11.35
N ILE B 75 1.10 -20.59 -11.36
CA ILE B 75 2.05 -19.60 -10.85
C ILE B 75 2.21 -19.75 -9.33
N SER B 76 1.11 -20.05 -8.63
CA SER B 76 1.19 -20.27 -7.19
C SER B 76 2.06 -21.48 -6.86
N GLN B 77 1.96 -22.55 -7.66
CA GLN B 77 2.75 -23.75 -7.43
C GLN B 77 4.16 -23.66 -8.00
N GLY B 78 4.47 -22.62 -8.77
CA GLY B 78 5.81 -22.42 -9.26
C GLY B 78 6.17 -23.17 -10.53
N ALA B 79 5.17 -23.52 -11.34
CA ALA B 79 5.44 -24.18 -12.61
C ALA B 79 6.38 -23.35 -13.48
N GLU B 80 7.05 -24.02 -14.42
CA GLU B 80 8.10 -23.38 -15.20
C GLU B 80 7.63 -22.82 -16.54
N LYS B 81 6.57 -23.38 -17.13
CA LYS B 81 5.86 -22.72 -18.22
C LYS B 81 4.37 -22.84 -18.04
N ILE B 82 3.71 -21.73 -18.32
CA ILE B 82 2.28 -21.73 -18.50
C ILE B 82 1.98 -20.99 -19.78
N CYS B 83 1.19 -21.61 -20.65
CA CYS B 83 0.80 -20.96 -21.89
C CYS B 83 -0.64 -20.48 -21.76
N LEU B 84 -0.89 -19.35 -22.35
CA LEU B 84 -2.18 -18.70 -22.23
C LEU B 84 -3.02 -19.00 -23.46
N PRO B 85 -4.34 -18.88 -23.38
CA PRO B 85 -5.17 -19.19 -24.55
C PRO B 85 -4.80 -18.42 -25.81
N ASP B 86 -4.15 -17.26 -25.68
CA ASP B 86 -3.80 -16.51 -26.88
C ASP B 86 -2.52 -17.01 -27.53
N GLY B 87 -1.77 -17.89 -26.88
CA GLY B 87 -0.56 -18.45 -27.45
C GLY B 87 0.72 -17.99 -26.80
N SER B 88 0.68 -16.94 -25.98
CA SER B 88 1.85 -16.52 -25.24
C SER B 88 2.14 -17.49 -24.10
N CYS B 89 3.43 -17.69 -23.82
CA CYS B 89 3.85 -18.57 -22.73
C CYS B 89 4.78 -17.82 -21.79
N ILE B 90 4.70 -18.21 -20.53
CA ILE B 90 5.44 -17.58 -19.44
C ILE B 90 6.36 -18.64 -18.85
N LYS B 91 7.65 -18.34 -18.82
CA LYS B 91 8.64 -19.15 -18.13
C LYS B 91 8.92 -18.50 -16.78
N LEU B 92 8.63 -19.23 -15.70
CA LEU B 92 8.87 -18.72 -14.36
C LEU B 92 10.19 -19.28 -13.85
N PRO B 93 11.22 -18.45 -13.65
CA PRO B 93 12.50 -18.96 -13.16
C PRO B 93 12.36 -19.64 -11.80
N VAL B 94 13.18 -20.66 -11.59
CA VAL B 94 13.24 -21.35 -10.31
C VAL B 94 14.31 -20.78 -9.39
N ASP B 95 15.10 -19.81 -9.87
CA ASP B 95 16.18 -19.20 -9.13
C ASP B 95 15.91 -17.73 -8.83
N GLN B 96 14.65 -17.29 -8.90
CA GLN B 96 14.33 -15.89 -8.77
C GLN B 96 13.02 -15.72 -8.03
N ASN B 97 12.93 -14.61 -7.29
CA ASN B 97 11.63 -14.14 -6.82
C ASN B 97 10.84 -13.56 -7.99
N ARG B 98 9.52 -13.60 -7.88
CA ARG B 98 8.65 -13.23 -8.98
C ARG B 98 7.57 -12.27 -8.51
N ILE B 99 7.26 -11.28 -9.36
CA ILE B 99 6.16 -10.37 -9.15
C ILE B 99 5.29 -10.42 -10.39
N ILE B 100 4.09 -10.94 -10.26
CA ILE B 100 3.16 -11.08 -11.37
C ILE B 100 2.08 -10.02 -11.23
N LEU B 101 2.08 -9.04 -12.12
CA LEU B 101 0.97 -8.10 -12.24
C LEU B 101 -0.09 -8.72 -13.13
N ILE B 102 -1.34 -8.70 -12.67
CA ILE B 102 -2.47 -9.16 -13.48
C ILE B 102 -3.50 -8.06 -13.54
N GLU B 103 -4.13 -7.91 -14.71
CA GLU B 103 -5.02 -6.81 -15.01
C GLU B 103 -6.20 -7.35 -15.81
N GLY B 104 -7.41 -6.96 -15.44
CA GLY B 104 -8.58 -7.43 -16.16
C GLY B 104 -9.87 -7.15 -15.42
N TYR B 105 -10.98 -7.37 -16.14
CA TYR B 105 -12.29 -7.02 -15.62
C TYR B 105 -12.71 -7.92 -14.47
N TYR B 106 -12.43 -9.22 -14.56
CA TYR B 106 -13.07 -10.22 -13.70
C TYR B 106 -12.08 -10.87 -12.74
N LEU B 107 -10.98 -10.20 -12.41
CA LEU B 107 -9.99 -10.75 -11.50
C LEU B 107 -10.55 -10.97 -10.10
N LEU B 108 -11.61 -10.25 -9.73
CA LEU B 108 -12.15 -10.30 -8.37
C LEU B 108 -13.42 -11.12 -8.27
N LEU B 109 -13.63 -12.06 -9.18
CA LEU B 109 -14.66 -13.07 -8.97
C LEU B 109 -14.31 -13.86 -7.71
N PRO B 110 -15.32 -14.31 -6.96
CA PRO B 110 -15.03 -14.91 -5.64
C PRO B 110 -14.05 -16.07 -5.72
N GLU B 111 -14.31 -17.02 -6.64
CA GLU B 111 -13.46 -18.19 -6.83
C GLU B 111 -11.98 -17.86 -6.94
N LEU B 112 -11.65 -16.68 -7.45
CA LEU B 112 -10.27 -16.33 -7.74
C LEU B 112 -9.60 -15.56 -6.62
N LEU B 113 -10.35 -15.10 -5.62
CA LEU B 113 -9.78 -14.22 -4.62
C LEU B 113 -8.58 -14.80 -3.86
N PRO B 114 -8.54 -16.08 -3.48
CA PRO B 114 -7.43 -16.54 -2.61
C PRO B 114 -6.05 -16.51 -3.27
N TYR B 115 -5.96 -16.44 -4.59
CA TYR B 115 -4.66 -16.57 -5.24
C TYR B 115 -3.81 -15.31 -5.18
N TYR B 116 -4.39 -14.16 -4.84
CA TYR B 116 -3.69 -12.89 -4.98
C TYR B 116 -2.94 -12.53 -3.70
N THR B 117 -1.74 -11.97 -3.89
CA THR B 117 -1.09 -11.25 -2.81
C THR B 117 -1.83 -9.95 -2.52
N SER B 118 -2.18 -9.20 -3.56
CA SER B 118 -2.91 -7.96 -3.35
C SER B 118 -4.04 -7.83 -4.37
N LYS B 119 -5.11 -7.16 -3.93
CA LYS B 119 -6.33 -7.00 -4.73
C LYS B 119 -6.74 -5.54 -4.75
N ILE B 120 -6.74 -4.95 -5.94
CA ILE B 120 -6.99 -3.53 -6.14
C ILE B 120 -8.06 -3.37 -7.20
N PHE B 121 -8.97 -2.44 -6.97
CA PHE B 121 -9.97 -2.06 -7.98
C PHE B 121 -9.78 -0.59 -8.30
N VAL B 122 -9.52 -0.29 -9.57
CA VAL B 122 -9.41 1.09 -10.03
C VAL B 122 -10.82 1.58 -10.33
N TYR B 123 -11.37 2.42 -9.47
CA TYR B 123 -12.76 2.84 -9.61
C TYR B 123 -12.87 4.19 -10.30
N GLU B 124 -13.80 4.27 -11.24
CA GLU B 124 -14.16 5.49 -11.93
C GLU B 124 -15.64 5.39 -12.31
N ASP B 125 -16.33 6.53 -12.30
CA ASP B 125 -17.75 6.52 -12.64
C ASP B 125 -17.94 6.24 -14.12
N ALA B 126 -19.14 5.74 -14.45
CA ALA B 126 -19.40 5.28 -15.81
C ALA B 126 -19.28 6.41 -16.83
N ASP B 127 -19.70 7.62 -16.44
CA ASP B 127 -19.55 8.74 -17.38
C ASP B 127 -18.09 9.13 -17.53
N THR B 128 -17.31 9.06 -16.45
CA THR B 128 -15.88 9.31 -16.57
C THR B 128 -15.21 8.29 -17.47
N ARG B 129 -15.61 7.03 -17.35
CA ARG B 129 -15.01 5.99 -18.17
C ARG B 129 -15.42 6.14 -19.63
N LEU B 130 -16.66 6.55 -19.89
CA LEU B 130 -17.07 6.85 -21.25
C LEU B 130 -16.29 8.03 -21.81
N GLU B 131 -16.00 9.02 -20.97
CA GLU B 131 -15.17 10.15 -21.39
C GLU B 131 -13.78 9.68 -21.79
N ARG B 132 -13.17 8.83 -20.96
CA ARG B 132 -11.87 8.27 -21.31
C ARG B 132 -11.94 7.50 -22.62
N CYS B 133 -12.97 6.66 -22.77
CA CYS B 133 -13.15 5.87 -23.99
C CYS B 133 -13.22 6.77 -25.22
N VAL B 134 -14.01 7.84 -25.16
CA VAL B 134 -14.19 8.68 -26.33
C VAL B 134 -12.95 9.52 -26.60
N LEU B 135 -12.34 10.09 -25.55
CA LEU B 135 -11.13 10.88 -25.75
C LEU B 135 -10.02 10.04 -26.37
N GLN B 136 -9.89 8.79 -25.92
CA GLN B 136 -8.81 7.93 -26.40
C GLN B 136 -9.10 7.40 -27.80
N ARG B 137 -10.30 6.86 -28.02
CA ARG B 137 -10.58 6.13 -29.24
C ARG B 137 -11.20 6.99 -30.34
N VAL B 138 -11.77 8.15 -30.00
CA VAL B 138 -12.29 9.07 -31.00
C VAL B 138 -11.35 10.24 -31.22
N LYS B 139 -11.00 10.97 -30.16
CA LYS B 139 -10.15 12.15 -30.31
C LYS B 139 -8.72 11.78 -30.69
N ALA B 140 -8.18 10.73 -30.07
CA ALA B 140 -6.78 10.37 -30.30
C ALA B 140 -6.62 9.40 -31.46
N GLU B 141 -7.37 8.30 -31.47
CA GLU B 141 -7.21 7.26 -32.47
C GLU B 141 -8.09 7.45 -33.70
N LYS B 142 -8.87 8.53 -33.74
CA LYS B 142 -9.61 8.96 -34.93
C LYS B 142 -10.65 7.92 -35.38
N GLY B 143 -11.29 7.24 -34.43
CA GLY B 143 -12.36 6.34 -34.77
C GLY B 143 -13.71 7.02 -34.82
N ASP B 144 -14.71 6.29 -35.35
CA ASP B 144 -16.04 6.85 -35.54
C ASP B 144 -16.77 6.96 -34.21
N LEU B 145 -17.25 8.17 -33.90
CA LEU B 145 -17.87 8.43 -32.61
C LEU B 145 -19.07 7.52 -32.36
N THR B 146 -19.92 7.34 -33.36
CA THR B 146 -21.13 6.54 -33.17
C THR B 146 -20.80 5.09 -32.85
N LYS B 147 -19.85 4.51 -33.58
CA LYS B 147 -19.47 3.12 -33.33
C LYS B 147 -18.82 2.96 -31.96
N VAL B 148 -18.00 3.92 -31.55
CA VAL B 148 -17.35 3.87 -30.25
C VAL B 148 -18.39 3.93 -29.14
N LEU B 149 -19.33 4.88 -29.24
CA LEU B 149 -20.40 4.99 -28.26
C LEU B 149 -21.24 3.73 -28.20
N ASN B 150 -21.57 3.17 -29.37
CA ASN B 150 -22.40 1.96 -29.40
C ASN B 150 -21.67 0.78 -28.76
N ASP B 151 -20.37 0.65 -29.03
CA ASP B 151 -19.59 -0.40 -28.39
C ASP B 151 -19.60 -0.24 -26.87
N PHE B 152 -19.40 0.99 -26.39
CA PHE B 152 -19.40 1.21 -24.95
C PHE B 152 -20.76 0.89 -24.33
N VAL B 153 -21.83 1.45 -24.92
CA VAL B 153 -23.13 1.43 -24.25
C VAL B 153 -23.82 0.08 -24.42
N THR B 154 -23.73 -0.54 -25.59
CA THR B 154 -24.45 -1.80 -25.81
C THR B 154 -23.66 -3.02 -25.36
N LEU B 155 -22.33 -2.98 -25.36
CA LEU B 155 -21.52 -4.13 -24.97
C LEU B 155 -20.82 -3.96 -23.64
N SER B 156 -20.07 -2.88 -23.46
CA SER B 156 -19.30 -2.74 -22.23
C SER B 156 -20.20 -2.43 -21.03
N LYS B 157 -21.25 -1.64 -21.25
CA LYS B 157 -22.11 -1.23 -20.14
C LYS B 157 -22.89 -2.39 -19.53
N PRO B 158 -23.58 -3.25 -20.29
CA PRO B 158 -24.26 -4.37 -19.63
C PRO B 158 -23.33 -5.31 -18.90
N ALA B 159 -22.16 -5.58 -19.49
CA ALA B 159 -21.17 -6.41 -18.83
C ALA B 159 -20.71 -5.78 -17.52
N TYR B 160 -20.40 -4.48 -17.52
CA TYR B 160 -19.98 -3.84 -16.28
C TYR B 160 -21.09 -3.88 -15.24
N ASP B 161 -22.29 -3.46 -15.64
CA ASP B 161 -23.37 -3.30 -14.68
C ASP B 161 -23.74 -4.64 -14.03
N SER B 162 -23.74 -5.73 -14.81
CA SER B 162 -24.20 -6.99 -14.24
C SER B 162 -23.09 -7.86 -13.68
N SER B 163 -21.83 -7.69 -14.11
CA SER B 163 -20.84 -8.69 -13.77
C SER B 163 -19.53 -8.13 -13.21
N ILE B 164 -19.16 -6.91 -13.57
CA ILE B 164 -17.91 -6.35 -13.06
C ILE B 164 -18.16 -5.59 -11.77
N HIS B 165 -19.05 -4.60 -11.82
CA HIS B 165 -19.40 -3.77 -10.66
C HIS B 165 -19.57 -4.55 -9.36
N PRO B 166 -20.39 -5.62 -9.29
CA PRO B 166 -20.59 -6.28 -8.00
C PRO B 166 -19.33 -6.89 -7.40
N THR B 167 -18.28 -7.14 -8.19
CA THR B 167 -17.05 -7.68 -7.64
C THR B 167 -16.18 -6.63 -6.97
N ARG B 168 -16.50 -5.34 -7.14
CA ARG B 168 -15.54 -4.30 -6.78
C ARG B 168 -15.21 -4.29 -5.28
N GLU B 169 -16.16 -4.66 -4.42
CA GLU B 169 -15.89 -4.64 -2.99
C GLU B 169 -15.13 -5.87 -2.51
N ASN B 170 -14.79 -6.80 -3.40
CA ASN B 170 -13.87 -7.88 -3.07
C ASN B 170 -12.42 -7.42 -3.05
N ALA B 171 -12.13 -6.24 -3.58
CA ALA B 171 -10.77 -5.72 -3.53
C ALA B 171 -10.36 -5.41 -2.10
N ASP B 172 -9.07 -5.52 -1.84
CA ASP B 172 -8.54 -4.96 -0.60
C ASP B 172 -8.57 -3.44 -0.66
N ILE B 173 -8.15 -2.86 -1.77
CA ILE B 173 -8.07 -1.41 -1.89
C ILE B 173 -8.78 -0.96 -3.16
N ILE B 174 -9.67 0.02 -3.00
CA ILE B 174 -10.33 0.67 -4.12
C ILE B 174 -9.69 2.04 -4.30
N LEU B 175 -9.13 2.28 -5.49
CA LEU B 175 -8.51 3.55 -5.79
C LEU B 175 -9.43 4.39 -6.67
N PRO B 176 -10.09 5.40 -6.12
CA PRO B 176 -10.93 6.26 -6.97
C PRO B 176 -10.08 7.16 -7.83
N GLN B 177 -10.51 7.32 -9.07
CA GLN B 177 -9.74 7.99 -10.09
C GLN B 177 -10.68 8.87 -10.91
N LYS B 178 -10.08 9.79 -11.69
CA LYS B 178 -10.85 10.67 -12.56
C LYS B 178 -10.42 10.37 -13.99
N GLU B 179 -9.82 11.33 -14.68
CA GLU B 179 -9.49 11.12 -16.08
C GLU B 179 -8.06 10.61 -16.28
N ASN B 180 -7.16 10.82 -15.33
CA ASN B 180 -5.79 10.35 -15.42
C ASN B 180 -5.50 9.35 -14.30
N ILE B 181 -4.33 8.70 -14.36
CA ILE B 181 -4.04 7.55 -13.52
C ILE B 181 -2.83 7.77 -12.62
N ASP B 182 -2.37 9.02 -12.46
CA ASP B 182 -1.09 9.25 -11.80
C ASP B 182 -1.14 8.86 -10.32
N THR B 183 -2.20 9.25 -9.62
CA THR B 183 -2.28 9.02 -8.18
C THR B 183 -2.31 7.52 -7.86
N ALA B 184 -3.13 6.77 -8.60
CA ALA B 184 -3.14 5.31 -8.45
C ALA B 184 -1.78 4.72 -8.77
N LEU B 185 -1.10 5.27 -9.78
CA LEU B 185 0.21 4.76 -10.15
C LEU B 185 1.20 4.92 -9.01
N LEU B 186 1.17 6.08 -8.34
CA LEU B 186 2.09 6.29 -7.22
C LEU B 186 1.76 5.37 -6.05
N PHE B 187 0.46 5.23 -5.71
CA PHE B 187 0.08 4.33 -4.63
C PHE B 187 0.59 2.92 -4.89
N VAL B 188 0.28 2.37 -6.06
CA VAL B 188 0.62 0.97 -6.32
C VAL B 188 2.12 0.80 -6.54
N SER B 189 2.81 1.84 -7.04
CA SER B 189 4.27 1.77 -7.15
C SER B 189 4.91 1.64 -5.77
N GLN B 190 4.47 2.46 -4.82
CA GLN B 190 4.99 2.34 -3.46
C GLN B 190 4.64 0.99 -2.85
N HIS B 191 3.44 0.48 -3.14
CA HIS B 191 3.05 -0.83 -2.62
C HIS B 191 3.97 -1.94 -3.16
N LEU B 192 4.29 -1.89 -4.45
CA LEU B 192 5.22 -2.85 -5.02
C LEU B 192 6.62 -2.71 -4.42
N GLN B 193 7.04 -1.48 -4.09
CA GLN B 193 8.33 -1.32 -3.42
C GLN B 193 8.33 -1.96 -2.05
N ASP B 194 7.21 -1.87 -1.31
CA ASP B 194 7.13 -2.53 -0.02
C ASP B 194 7.15 -4.05 -0.17
N ILE B 195 6.51 -4.57 -1.23
CA ILE B 195 6.57 -6.01 -1.49
C ILE B 195 8.00 -6.44 -1.80
N LEU B 196 8.71 -5.67 -2.62
CA LEU B 196 10.10 -6.01 -2.95
C LEU B 196 11.00 -5.97 -1.72
N ALA B 197 10.84 -4.95 -0.88
CA ALA B 197 11.59 -4.89 0.36
C ALA B 197 11.33 -6.12 1.23
N GLU B 198 10.06 -6.53 1.34
CA GLU B 198 9.75 -7.76 2.05
C GLU B 198 10.41 -8.97 1.40
N MET B 199 10.57 -8.95 0.08
CA MET B 199 11.22 -10.08 -0.57
C MET B 199 12.71 -10.13 -0.26
N ASN B 200 13.29 -9.04 0.23
CA ASN B 200 14.71 -9.00 0.60
C ASN B 200 14.85 -8.48 2.02
N VAL C 6 9.46 21.87 11.72
CA VAL C 6 8.42 21.07 12.36
C VAL C 6 7.36 20.70 11.33
N LYS C 7 7.25 19.42 11.02
CA LYS C 7 6.41 18.94 9.94
C LYS C 7 5.20 18.20 10.50
N SER C 8 4.08 18.30 9.76
CA SER C 8 2.83 17.68 10.17
C SER C 8 2.15 17.03 8.96
N ALA C 9 1.68 15.81 9.15
CA ALA C 9 0.90 15.10 8.15
C ALA C 9 -0.52 14.92 8.66
N ILE C 10 -1.50 15.28 7.85
CA ILE C 10 -2.91 15.16 8.22
C ILE C 10 -3.57 14.10 7.34
N ILE C 11 -4.20 13.13 7.99
CA ILE C 11 -4.88 12.03 7.34
C ILE C 11 -6.36 12.18 7.65
N GLY C 12 -7.15 12.47 6.62
CA GLY C 12 -8.59 12.54 6.82
C GLY C 12 -9.27 11.22 6.54
N ILE C 13 -9.93 10.64 7.54
CA ILE C 13 -10.62 9.36 7.40
C ILE C 13 -12.11 9.62 7.55
N ALA C 14 -12.84 9.54 6.44
CA ALA C 14 -14.28 9.72 6.44
C ALA C 14 -14.98 8.37 6.31
N GLY C 15 -16.29 8.41 6.41
CA GLY C 15 -17.13 7.22 6.35
C GLY C 15 -18.51 7.51 6.87
N GLY C 16 -19.44 6.63 6.53
CA GLY C 16 -20.80 6.78 6.95
C GLY C 16 -21.01 6.41 8.40
N PRO C 17 -22.25 6.54 8.86
CA PRO C 17 -22.58 6.08 10.22
C PRO C 17 -22.37 4.59 10.36
N PHE C 18 -21.73 4.19 11.46
CA PHE C 18 -21.54 2.79 11.82
C PHE C 18 -20.73 2.04 10.76
N SER C 19 -19.71 2.72 10.23
CA SER C 19 -18.80 2.14 9.25
C SER C 19 -17.53 1.57 9.88
N GLY C 20 -17.38 1.70 11.20
CA GLY C 20 -16.21 1.19 11.90
C GLY C 20 -14.94 1.98 11.69
N LYS C 21 -15.04 3.24 11.26
CA LYS C 21 -13.83 4.01 10.99
C LYS C 21 -13.07 4.33 12.27
N THR C 22 -13.78 4.55 13.38
CA THR C 22 -13.11 4.80 14.64
C THR C 22 -12.20 3.64 15.04
N GLN C 23 -12.72 2.41 14.94
CA GLN C 23 -11.93 1.22 15.25
C GLN C 23 -10.74 1.07 14.31
N LEU C 24 -10.95 1.32 13.02
CA LEU C 24 -9.86 1.25 12.05
C LEU C 24 -8.78 2.28 12.35
N CYS C 25 -9.20 3.49 12.74
CA CYS C 25 -8.25 4.53 13.08
C CYS C 25 -7.43 4.14 14.29
N GLU C 26 -8.03 3.43 15.25
CA GLU C 26 -7.25 2.95 16.39
C GLU C 26 -6.24 1.88 15.96
N GLN C 27 -6.61 1.02 15.01
CA GLN C 27 -5.65 0.03 14.52
C GLN C 27 -4.46 0.71 13.83
N LEU C 28 -4.76 1.69 12.97
CA LEU C 28 -3.69 2.50 12.39
C LEU C 28 -2.83 3.15 13.47
N LEU C 29 -3.46 3.64 14.54
CA LEU C 29 -2.73 4.26 15.64
C LEU C 29 -1.78 3.28 16.30
N GLU C 30 -2.22 2.04 16.51
CA GLU C 30 -1.31 1.03 17.06
C GLU C 30 -0.08 0.89 16.19
N ARG C 31 -0.29 0.75 14.89
CA ARG C 31 0.88 0.58 14.02
C ARG C 31 1.78 1.81 14.06
N LEU C 32 1.20 3.00 14.22
CA LEU C 32 2.03 4.21 14.34
C LEU C 32 2.81 4.21 15.65
N LYS C 33 2.16 3.82 16.76
CA LYS C 33 2.82 3.79 18.05
C LYS C 33 3.98 2.82 18.05
N SER C 34 3.78 1.62 17.50
CA SER C 34 4.82 0.61 17.58
C SER C 34 5.89 0.79 16.51
N SER C 35 5.53 1.38 15.36
CA SER C 35 6.46 1.51 14.24
C SER C 35 7.24 2.82 14.27
N ALA C 36 6.63 3.90 14.74
CA ALA C 36 7.27 5.21 14.75
C ALA C 36 7.00 5.91 16.08
N PRO C 37 7.51 5.35 17.18
CA PRO C 37 7.21 5.95 18.49
C PRO C 37 7.77 7.36 18.66
N SER C 38 8.83 7.71 17.93
CA SER C 38 9.41 9.03 18.04
C SER C 38 8.66 10.07 17.20
N THR C 39 7.71 9.66 16.38
CA THR C 39 6.78 10.59 15.74
C THR C 39 5.53 10.69 16.58
N PHE C 40 5.09 11.92 16.86
CA PHE C 40 3.86 12.14 17.60
C PHE C 40 2.66 11.82 16.74
N SER C 41 1.78 10.94 17.25
CA SER C 41 0.58 10.54 16.53
C SER C 41 -0.62 10.64 17.45
N LYS C 42 -1.76 11.07 16.92
CA LYS C 42 -2.97 11.13 17.73
C LYS C 42 -4.21 11.20 16.84
N LEU C 43 -5.29 10.61 17.34
CA LEU C 43 -6.58 10.56 16.67
C LEU C 43 -7.49 11.67 17.18
N ILE C 44 -8.07 12.43 16.25
CA ILE C 44 -9.02 13.49 16.55
C ILE C 44 -10.37 13.13 15.95
N HIS C 45 -11.44 13.36 16.69
CA HIS C 45 -12.80 13.05 16.23
C HIS C 45 -13.50 14.33 15.79
N LEU C 46 -14.12 14.27 14.61
CA LEU C 46 -14.90 15.40 14.12
C LEU C 46 -16.06 15.75 15.05
N THR C 47 -16.48 14.80 15.89
CA THR C 47 -17.59 15.06 16.81
C THR C 47 -17.25 16.15 17.82
N SER C 48 -15.96 16.43 18.04
CA SER C 48 -15.58 17.55 18.91
C SER C 48 -15.80 18.91 18.26
N PHE C 49 -16.28 18.94 17.01
CA PHE C 49 -16.60 20.20 16.34
C PHE C 49 -18.11 20.36 16.15
N LEU C 50 -18.91 19.54 16.85
CA LEU C 50 -20.35 19.74 16.88
C LEU C 50 -20.69 21.03 17.63
N TYR C 51 -21.75 21.68 17.18
CA TYR C 51 -22.30 22.80 17.95
C TYR C 51 -22.88 22.28 19.25
N PRO C 52 -22.91 23.11 20.29
CA PRO C 52 -23.44 22.66 21.59
C PRO C 52 -24.89 22.19 21.47
N ASN C 53 -25.18 21.06 22.13
CA ASN C 53 -26.53 20.52 22.26
C ASN C 53 -27.17 20.24 20.89
N SER C 54 -26.40 19.65 19.98
CA SER C 54 -26.93 19.26 18.69
C SER C 54 -27.75 17.97 18.85
N VAL C 55 -28.98 17.99 18.34
CA VAL C 55 -29.84 16.82 18.48
C VAL C 55 -29.46 15.74 17.46
N ASP C 56 -28.95 16.12 16.30
CA ASP C 56 -28.63 15.19 15.22
C ASP C 56 -27.13 15.16 15.02
N ARG C 57 -26.48 14.11 15.51
CA ARG C 57 -25.05 13.93 15.35
C ARG C 57 -24.65 13.60 13.91
N TYR C 58 -25.59 13.17 13.07
CA TYR C 58 -25.27 12.80 11.70
C TYR C 58 -25.34 13.97 10.73
N ALA C 59 -26.22 14.94 10.98
CA ALA C 59 -26.47 16.00 10.02
C ALA C 59 -25.26 16.91 9.88
N LEU C 60 -24.98 17.30 8.63
CA LEU C 60 -23.89 18.24 8.36
C LEU C 60 -24.14 19.58 9.03
N SER C 61 -25.41 19.98 9.15
CA SER C 61 -25.76 21.26 9.75
C SER C 61 -25.32 21.37 11.20
N SER C 62 -25.02 20.24 11.86
CA SER C 62 -24.64 20.24 13.26
C SER C 62 -23.15 20.46 13.48
N TYR C 63 -22.37 20.66 12.43
CA TYR C 63 -20.92 20.71 12.55
C TYR C 63 -20.39 22.09 12.19
N ASP C 64 -19.57 22.65 13.09
CA ASP C 64 -18.85 23.90 12.87
C ASP C 64 -17.67 23.60 11.96
N ILE C 65 -17.93 23.63 10.65
CA ILE C 65 -16.90 23.25 9.68
C ILE C 65 -15.81 24.31 9.60
N GLU C 66 -16.18 25.59 9.79
CA GLU C 66 -15.18 26.65 9.71
C GLU C 66 -14.17 26.55 10.85
N ALA C 67 -14.65 26.21 12.06
CA ALA C 67 -13.73 25.94 13.16
C ALA C 67 -12.79 24.79 12.83
N PHE C 68 -13.33 23.74 12.19
CA PHE C 68 -12.50 22.62 11.77
C PHE C 68 -11.43 23.07 10.79
N LYS C 69 -11.78 24.00 9.89
CA LYS C 69 -10.81 24.52 8.94
C LYS C 69 -9.71 25.30 9.65
N LYS C 70 -10.08 26.13 10.63
CA LYS C 70 -9.06 26.80 11.43
C LYS C 70 -8.12 25.79 12.08
N VAL C 71 -8.67 24.73 12.66
CA VAL C 71 -7.82 23.76 13.36
C VAL C 71 -6.88 23.05 12.38
N LEU C 72 -7.39 22.70 11.20
CA LEU C 72 -6.52 22.12 10.17
C LEU C 72 -5.38 23.07 9.80
N SER C 73 -5.72 24.34 9.53
CA SER C 73 -4.71 25.33 9.20
C SER C 73 -3.67 25.44 10.30
N LEU C 74 -4.10 25.46 11.56
CA LEU C 74 -3.18 25.60 12.67
C LEU C 74 -2.28 24.38 12.80
N ILE C 75 -2.83 23.18 12.61
CA ILE C 75 -2.01 21.98 12.63
C ILE C 75 -0.95 22.04 11.54
N SER C 76 -1.35 22.47 10.34
CA SER C 76 -0.37 22.58 9.24
C SER C 76 0.69 23.63 9.55
N GLN C 77 0.31 24.73 10.19
CA GLN C 77 1.24 25.80 10.47
C GLN C 77 2.21 25.48 11.61
N GLY C 78 2.04 24.34 12.27
CA GLY C 78 2.94 23.95 13.33
C GLY C 78 2.53 24.38 14.72
N ALA C 79 1.26 24.71 14.93
CA ALA C 79 0.79 25.13 16.25
C ALA C 79 1.05 24.04 17.28
N GLU C 80 1.24 24.47 18.53
CA GLU C 80 1.52 23.56 19.63
C GLU C 80 0.31 23.28 20.50
N LYS C 81 -0.65 24.20 20.58
CA LYS C 81 -1.83 24.02 21.40
C LYS C 81 -3.06 24.44 20.61
N ILE C 82 -4.05 23.57 20.56
CA ILE C 82 -5.26 23.83 19.79
C ILE C 82 -6.47 23.37 20.57
N CYS C 83 -7.41 24.28 20.83
CA CYS C 83 -8.62 23.92 21.56
C CYS C 83 -9.79 23.83 20.59
N LEU C 84 -10.67 22.88 20.83
CA LEU C 84 -11.77 22.52 19.96
C LEU C 84 -13.09 22.98 20.54
N PRO C 85 -14.15 23.09 19.72
CA PRO C 85 -15.44 23.61 20.24
C PRO C 85 -15.98 22.84 21.43
N ASP C 86 -15.69 21.55 21.54
CA ASP C 86 -16.21 20.78 22.66
C ASP C 86 -15.54 21.13 23.98
N GLY C 87 -14.46 21.90 23.96
CA GLY C 87 -13.71 22.25 25.16
C GLY C 87 -12.38 21.55 25.28
N SER C 88 -12.09 20.59 24.40
CA SER C 88 -10.83 19.86 24.46
C SER C 88 -9.70 20.74 23.97
N CYS C 89 -8.52 20.57 24.57
CA CYS C 89 -7.30 21.17 24.06
C CYS C 89 -6.28 20.07 23.81
N ILE C 90 -5.63 20.16 22.65
CA ILE C 90 -4.66 19.18 22.19
C ILE C 90 -3.30 19.84 22.20
N LYS C 91 -2.36 19.21 22.90
CA LYS C 91 -0.96 19.61 22.93
C LYS C 91 -0.22 18.84 21.83
N LEU C 92 0.28 19.56 20.85
CA LEU C 92 1.06 18.97 19.77
C LEU C 92 2.52 19.36 19.96
N PRO C 93 3.41 18.41 20.25
CA PRO C 93 4.82 18.78 20.49
C PRO C 93 5.42 19.46 19.27
N VAL C 94 6.32 20.41 19.52
CA VAL C 94 7.02 21.11 18.46
C VAL C 94 8.47 20.67 18.34
N ASP C 95 8.90 19.69 19.12
CA ASP C 95 10.20 19.05 18.99
C ASP C 95 10.12 17.68 18.32
N GLN C 96 9.00 17.38 17.67
CA GLN C 96 8.80 16.15 16.93
C GLN C 96 8.04 16.45 15.65
N ASN C 97 8.17 15.55 14.68
CA ASN C 97 7.23 15.53 13.60
C ASN C 97 5.94 14.86 14.05
N ARG C 98 4.84 15.20 13.39
CA ARG C 98 3.51 14.89 13.89
C ARG C 98 2.63 14.36 12.77
N ILE C 99 1.91 13.29 13.06
CA ILE C 99 0.91 12.73 12.16
C ILE C 99 -0.41 12.71 12.91
N ILE C 100 -1.40 13.43 12.40
CA ILE C 100 -2.70 13.57 13.04
C ILE C 100 -3.73 12.84 12.20
N LEU C 101 -4.29 11.79 12.77
CA LEU C 101 -5.44 11.10 12.18
C LEU C 101 -6.71 11.82 12.62
N ILE C 102 -7.60 12.10 11.67
CA ILE C 102 -8.86 12.74 11.97
C ILE C 102 -9.98 11.88 11.38
N GLU C 103 -11.09 11.77 12.11
CA GLU C 103 -12.12 10.78 11.87
C GLU C 103 -13.49 11.44 11.98
N GLY C 104 -14.35 11.22 10.99
CA GLY C 104 -15.68 11.78 11.05
C GLY C 104 -16.43 11.63 9.74
N TYR C 105 -17.69 12.09 9.77
CA TYR C 105 -18.58 11.91 8.63
C TYR C 105 -18.24 12.82 7.47
N TYR C 106 -17.77 14.03 7.75
CA TYR C 106 -17.74 15.09 6.73
C TYR C 106 -16.34 15.59 6.44
N LEU C 107 -15.34 14.71 6.56
CA LEU C 107 -13.96 15.15 6.40
C LEU C 107 -13.59 15.40 4.93
N LEU C 108 -14.25 14.70 4.01
CA LEU C 108 -13.84 14.64 2.62
C LEU C 108 -14.71 15.49 1.71
N LEU C 109 -15.07 16.65 2.32
CA LEU C 109 -15.95 17.68 1.74
C LEU C 109 -15.10 18.62 0.91
N PRO C 110 -15.56 19.04 -0.30
CA PRO C 110 -14.65 19.74 -1.20
C PRO C 110 -13.77 20.78 -0.54
N GLU C 111 -14.38 21.66 0.25
CA GLU C 111 -13.66 22.77 0.88
C GLU C 111 -12.47 22.30 1.71
N LEU C 112 -12.56 21.09 2.29
CA LEU C 112 -11.53 20.61 3.21
C LEU C 112 -10.42 19.83 2.51
N LEU C 113 -10.60 19.46 1.25
CA LEU C 113 -9.64 18.56 0.62
C LEU C 113 -8.19 19.07 0.60
N PRO C 114 -7.89 20.36 0.40
CA PRO C 114 -6.47 20.77 0.30
C PRO C 114 -5.68 20.63 1.60
N TYR C 115 -6.34 20.49 2.76
CA TYR C 115 -5.61 20.47 4.01
C TYR C 115 -5.01 19.11 4.35
N TYR C 116 -5.48 18.05 3.72
CA TYR C 116 -5.07 16.71 4.11
C TYR C 116 -3.80 16.28 3.39
N THR C 117 -2.93 15.59 4.12
CA THR C 117 -1.82 14.90 3.47
C THR C 117 -2.32 13.68 2.72
N SER C 118 -3.31 12.98 3.26
CA SER C 118 -3.92 11.90 2.50
C SER C 118 -5.36 11.68 2.97
N LYS C 119 -6.14 11.03 2.12
CA LYS C 119 -7.61 11.01 2.25
C LYS C 119 -8.13 9.59 2.05
N ILE C 120 -8.84 9.10 3.06
CA ILE C 120 -9.38 7.74 3.10
C ILE C 120 -10.88 7.82 3.33
N PHE C 121 -11.62 6.97 2.63
CA PHE C 121 -13.04 6.76 2.88
C PHE C 121 -13.27 5.29 3.22
N VAL C 122 -13.76 5.03 4.43
CA VAL C 122 -14.08 3.68 4.86
C VAL C 122 -15.47 3.34 4.31
N TYR C 123 -15.53 2.54 3.26
CA TYR C 123 -16.78 2.26 2.57
C TYR C 123 -17.40 0.97 3.10
N GLU C 124 -18.69 1.03 3.38
CA GLU C 124 -19.47 -0.15 3.73
C GLU C 124 -20.88 0.06 3.22
N ASP C 125 -21.50 -1.03 2.74
CA ASP C 125 -22.85 -0.94 2.22
C ASP C 125 -23.83 -0.62 3.35
N ALA C 126 -25.00 -0.12 2.98
CA ALA C 126 -25.95 0.38 3.96
C ALA C 126 -26.45 -0.72 4.88
N ASP C 127 -26.74 -1.90 4.33
CA ASP C 127 -27.29 -2.97 5.15
C ASP C 127 -26.26 -3.48 6.16
N THR C 128 -25.00 -3.60 5.75
CA THR C 128 -23.99 -4.08 6.69
C THR C 128 -23.67 -3.03 7.75
N ARG C 129 -23.81 -1.74 7.40
CA ARG C 129 -23.68 -0.70 8.41
C ARG C 129 -24.83 -0.74 9.42
N LEU C 130 -26.06 -0.99 8.94
CA LEU C 130 -27.17 -1.15 9.87
C LEU C 130 -26.98 -2.40 10.74
N GLU C 131 -26.42 -3.46 10.16
CA GLU C 131 -26.12 -4.65 10.94
C GLU C 131 -25.14 -4.33 12.06
N ARG C 132 -24.06 -3.62 11.73
CA ARG C 132 -23.12 -3.19 12.77
C ARG C 132 -23.84 -2.37 13.82
N CYS C 133 -24.70 -1.45 13.38
CA CYS C 133 -25.42 -0.57 14.30
C CYS C 133 -26.21 -1.38 15.33
N VAL C 134 -27.04 -2.32 14.87
CA VAL C 134 -27.93 -3.00 15.82
C VAL C 134 -27.18 -4.09 16.60
N LEU C 135 -26.17 -4.71 15.99
CA LEU C 135 -25.35 -5.65 16.76
C LEU C 135 -24.63 -4.96 17.90
N GLN C 136 -24.23 -3.70 17.70
CA GLN C 136 -23.62 -2.94 18.79
C GLN C 136 -24.68 -2.48 19.78
N ARG C 137 -25.70 -1.78 19.29
CA ARG C 137 -26.62 -1.04 20.13
C ARG C 137 -27.77 -1.88 20.68
N VAL C 138 -28.10 -3.00 20.04
CA VAL C 138 -29.16 -3.88 20.51
C VAL C 138 -28.59 -5.16 21.11
N LYS C 139 -27.74 -5.87 20.36
CA LYS C 139 -27.23 -7.13 20.88
C LYS C 139 -26.26 -6.93 22.04
N ALA C 140 -25.38 -5.92 21.94
CA ALA C 140 -24.38 -5.72 22.98
C ALA C 140 -24.87 -4.79 24.09
N GLU C 141 -25.38 -3.62 23.72
CA GLU C 141 -25.80 -2.62 24.70
C GLU C 141 -27.25 -2.79 25.14
N LYS C 142 -27.98 -3.74 24.56
CA LYS C 142 -29.34 -4.06 24.97
C LYS C 142 -30.27 -2.85 24.91
N GLY C 143 -30.06 -1.99 23.91
CA GLY C 143 -31.01 -0.95 23.63
C GLY C 143 -32.26 -1.50 22.94
N ASP C 144 -33.24 -0.62 22.74
CA ASP C 144 -34.51 -1.02 22.15
C ASP C 144 -34.36 -1.14 20.63
N LEU C 145 -34.65 -2.34 20.11
CA LEU C 145 -34.47 -2.61 18.69
C LEU C 145 -35.24 -1.60 17.83
N THR C 146 -36.48 -1.30 18.22
CA THR C 146 -37.32 -0.40 17.43
C THR C 146 -36.73 1.01 17.39
N LYS C 147 -36.35 1.54 18.56
CA LYS C 147 -35.79 2.88 18.61
C LYS C 147 -34.45 2.96 17.88
N VAL C 148 -33.65 1.89 17.96
CA VAL C 148 -32.36 1.89 17.26
C VAL C 148 -32.57 1.91 15.75
N LEU C 149 -33.47 1.05 15.25
CA LEU C 149 -33.80 1.06 13.84
C LEU C 149 -34.31 2.42 13.40
N ASN C 150 -35.14 3.05 14.23
CA ASN C 150 -35.68 4.36 13.88
C ASN C 150 -34.58 5.41 13.82
N ASP C 151 -33.67 5.42 14.80
CA ASP C 151 -32.55 6.35 14.75
C ASP C 151 -31.74 6.18 13.47
N PHE C 152 -31.42 4.93 13.12
CA PHE C 152 -30.63 4.70 11.91
C PHE C 152 -31.38 5.21 10.68
N VAL C 153 -32.62 4.76 10.49
CA VAL C 153 -33.30 5.00 9.21
C VAL C 153 -33.75 6.45 9.07
N THR C 154 -34.17 7.11 10.16
CA THR C 154 -34.76 8.43 10.02
C THR C 154 -33.74 9.57 10.13
N LEU C 155 -32.60 9.35 10.80
CA LEU C 155 -31.61 10.40 10.99
C LEU C 155 -30.27 10.09 10.32
N SER C 156 -29.74 8.89 10.53
CA SER C 156 -28.47 8.52 9.91
C SER C 156 -28.59 8.42 8.40
N LYS C 157 -29.69 7.82 7.93
CA LYS C 157 -29.79 7.49 6.50
C LYS C 157 -29.95 8.72 5.62
N PRO C 158 -30.80 9.71 5.94
CA PRO C 158 -30.84 10.91 5.08
C PRO C 158 -29.54 11.68 5.08
N ALA C 159 -28.88 11.80 6.24
CA ALA C 159 -27.58 12.45 6.28
C ALA C 159 -26.58 11.76 5.38
N TYR C 160 -26.51 10.43 5.46
CA TYR C 160 -25.56 9.70 4.62
C TYR C 160 -25.90 9.87 3.15
N ASP C 161 -27.16 9.66 2.77
CA ASP C 161 -27.54 9.69 1.37
C ASP C 161 -27.33 11.07 0.76
N SER C 162 -27.64 12.12 1.49
CA SER C 162 -27.60 13.47 0.92
C SER C 162 -26.24 14.14 1.05
N SER C 163 -25.45 13.84 2.08
CA SER C 163 -24.26 14.66 2.31
C SER C 163 -22.96 13.90 2.47
N ILE C 164 -22.99 12.69 3.00
CA ILE C 164 -21.76 11.93 3.19
C ILE C 164 -21.38 11.16 1.94
N HIS C 165 -22.31 10.34 1.43
CA HIS C 165 -22.06 9.48 0.27
C HIS C 165 -21.40 10.20 -0.91
N PRO C 166 -21.90 11.35 -1.39
CA PRO C 166 -21.27 11.98 -2.57
C PRO C 166 -19.83 12.43 -2.34
N THR C 167 -19.35 12.51 -1.11
CA THR C 167 -17.95 12.86 -0.90
C THR C 167 -17.00 11.67 -0.98
N ARG C 168 -17.53 10.44 -1.10
CA ARG C 168 -16.66 9.27 -0.96
C ARG C 168 -15.57 9.24 -2.03
N GLU C 169 -15.86 9.72 -3.24
CA GLU C 169 -14.88 9.67 -4.31
C GLU C 169 -13.87 10.80 -4.24
N ASN C 170 -13.91 11.64 -3.21
CA ASN C 170 -12.82 12.58 -2.98
C ASN C 170 -11.63 11.94 -2.29
N ALA C 171 -11.78 10.73 -1.78
CA ALA C 171 -10.69 10.05 -1.10
C ALA C 171 -9.58 9.68 -2.08
N ASP C 172 -8.36 9.61 -1.56
CA ASP C 172 -7.29 8.95 -2.32
C ASP C 172 -7.47 7.45 -2.27
N ILE C 173 -7.91 6.92 -1.12
CA ILE C 173 -8.08 5.48 -0.92
C ILE C 173 -9.48 5.23 -0.41
N ILE C 174 -10.21 4.35 -1.10
CA ILE C 174 -11.47 3.84 -0.59
C ILE C 174 -11.22 2.43 -0.06
N LEU C 175 -11.57 2.21 1.21
CA LEU C 175 -11.31 0.95 1.90
C LEU C 175 -12.61 0.19 2.06
N PRO C 176 -12.86 -0.85 1.28
CA PRO C 176 -14.08 -1.64 1.47
C PRO C 176 -13.99 -2.42 2.76
N GLN C 177 -15.02 -2.27 3.59
CA GLN C 177 -15.09 -2.91 4.90
C GLN C 177 -15.54 -4.36 4.74
N LYS C 178 -14.96 -5.24 5.56
CA LYS C 178 -15.27 -6.66 5.53
C LYS C 178 -14.79 -7.25 6.85
N GLU C 179 -15.06 -8.55 7.03
CA GLU C 179 -14.69 -9.22 8.29
C GLU C 179 -13.19 -9.15 8.52
N ASN C 180 -12.40 -9.36 7.47
CA ASN C 180 -10.94 -9.38 7.56
C ASN C 180 -10.39 -8.31 6.64
N ILE C 181 -9.88 -7.23 7.22
CA ILE C 181 -9.33 -6.11 6.46
C ILE C 181 -7.82 -6.03 6.62
N ASP C 182 -7.17 -7.14 7.04
CA ASP C 182 -5.75 -7.10 7.38
C ASP C 182 -4.89 -6.65 6.21
N THR C 183 -5.23 -7.10 4.99
CA THR C 183 -4.45 -6.69 3.82
C THR C 183 -4.57 -5.19 3.58
N ALA C 184 -5.80 -4.66 3.66
CA ALA C 184 -5.99 -3.22 3.48
C ALA C 184 -5.37 -2.43 4.63
N LEU C 185 -5.46 -2.95 5.86
CA LEU C 185 -4.80 -2.31 6.99
C LEU C 185 -3.30 -2.21 6.75
N LEU C 186 -2.69 -3.29 6.24
CA LEU C 186 -1.26 -3.26 5.97
C LEU C 186 -0.93 -2.28 4.86
N PHE C 187 -1.75 -2.24 3.80
CA PHE C 187 -1.55 -1.27 2.73
C PHE C 187 -1.55 0.16 3.29
N VAL C 188 -2.53 0.49 4.12
CA VAL C 188 -2.65 1.86 4.62
C VAL C 188 -1.52 2.19 5.59
N SER C 189 -1.12 1.22 6.42
CA SER C 189 0.00 1.47 7.34
C SER C 189 1.30 1.69 6.58
N GLN C 190 1.53 0.91 5.52
CA GLN C 190 2.71 1.14 4.69
C GLN C 190 2.66 2.52 4.03
N HIS C 191 1.48 2.94 3.60
CA HIS C 191 1.34 4.28 3.04
C HIS C 191 1.72 5.35 4.07
N LEU C 192 1.24 5.20 5.31
CA LEU C 192 1.51 6.20 6.33
C LEU C 192 2.98 6.23 6.71
N GLN C 193 3.64 5.07 6.74
CA GLN C 193 5.07 5.11 7.02
C GLN C 193 5.87 5.64 5.84
N ASP C 194 5.37 5.48 4.60
CA ASP C 194 5.99 6.19 3.48
C ASP C 194 5.91 7.70 3.70
N ILE C 195 4.76 8.18 4.17
CA ILE C 195 4.61 9.61 4.46
C ILE C 195 5.60 10.04 5.54
N LEU C 196 5.74 9.23 6.60
CA LEU C 196 6.68 9.57 7.66
C LEU C 196 8.12 9.58 7.14
N ALA C 197 8.47 8.62 6.30
CA ALA C 197 9.82 8.55 5.76
C ALA C 197 10.14 9.77 4.91
N GLU C 198 9.18 10.23 4.10
CA GLU C 198 9.40 11.47 3.38
C GLU C 198 9.52 12.66 4.34
N MET C 199 8.74 12.66 5.43
CA MET C 199 8.81 13.77 6.37
C MET C 199 10.17 13.86 7.05
N ASN C 200 10.86 12.74 7.22
CA ASN C 200 12.19 12.76 7.82
C ASN C 200 13.26 12.67 6.74
N SER D 5 -25.27 9.63 39.45
CA SER D 5 -25.75 9.65 38.07
C SER D 5 -24.63 9.27 37.09
N VAL D 6 -23.78 10.22 36.74
CA VAL D 6 -22.70 9.96 35.79
C VAL D 6 -21.66 9.09 36.47
N LYS D 7 -21.56 7.84 36.04
CA LYS D 7 -20.62 6.90 36.61
C LYS D 7 -19.37 6.81 35.73
N SER D 8 -18.24 6.56 36.38
CA SER D 8 -16.95 6.50 35.69
C SER D 8 -16.18 5.31 36.24
N ALA D 9 -15.51 4.60 35.33
CA ALA D 9 -14.63 3.48 35.69
C ALA D 9 -13.21 3.85 35.27
N ILE D 10 -12.25 3.59 36.16
CA ILE D 10 -10.86 3.89 35.89
C ILE D 10 -10.06 2.59 35.93
N ILE D 11 -9.30 2.37 34.85
CA ILE D 11 -8.49 1.18 34.65
C ILE D 11 -7.04 1.64 34.62
N GLY D 12 -6.26 1.22 35.63
CA GLY D 12 -4.85 1.53 35.68
C GLY D 12 -4.03 0.40 35.07
N ILE D 13 -3.31 0.71 34.01
CA ILE D 13 -2.46 -0.23 33.29
C ILE D 13 -1.01 0.21 33.47
N ALA D 14 -0.28 -0.48 34.34
CA ALA D 14 1.11 -0.15 34.60
C ALA D 14 2.03 -1.11 33.87
N GLY D 15 3.31 -0.80 33.88
CA GLY D 15 4.31 -1.62 33.24
C GLY D 15 5.63 -0.88 33.10
N GLY D 16 6.67 -1.64 32.83
CA GLY D 16 8.00 -1.09 32.69
C GLY D 16 8.20 -0.41 31.34
N PRO D 17 9.36 0.22 31.18
CA PRO D 17 9.69 0.83 29.89
C PRO D 17 9.66 -0.19 28.77
N PHE D 18 8.98 0.17 27.68
CA PHE D 18 8.95 -0.64 26.46
C PHE D 18 8.28 -1.99 26.69
N SER D 19 7.21 -2.00 27.48
CA SER D 19 6.41 -3.19 27.68
C SER D 19 5.21 -3.26 26.75
N GLY D 20 5.05 -2.30 25.85
CA GLY D 20 3.96 -2.31 24.92
C GLY D 20 2.59 -2.04 25.52
N LYS D 21 2.54 -1.39 26.69
CA LYS D 21 1.25 -1.16 27.33
C LYS D 21 0.38 -0.21 26.52
N THR D 22 0.98 0.73 25.78
CA THR D 22 0.19 1.65 24.97
C THR D 22 -0.52 0.92 23.84
N GLN D 23 0.20 0.06 23.10
CA GLN D 23 -0.43 -0.70 22.03
C GLN D 23 -1.54 -1.60 22.58
N LEU D 24 -1.29 -2.24 23.72
CA LEU D 24 -2.30 -3.07 24.37
C LEU D 24 -3.54 -2.26 24.72
N CYS D 25 -3.34 -1.01 25.17
CA CYS D 25 -4.47 -0.18 25.53
C CYS D 25 -5.25 0.26 24.29
N GLU D 26 -4.56 0.50 23.17
CA GLU D 26 -5.27 0.81 21.93
C GLU D 26 -6.12 -0.38 21.50
N GLN D 27 -5.62 -1.60 21.67
CA GLN D 27 -6.41 -2.78 21.30
C GLN D 27 -7.65 -2.93 22.19
N LEU D 28 -7.47 -2.76 23.50
CA LEU D 28 -8.62 -2.72 24.41
C LEU D 28 -9.61 -1.63 23.99
N LEU D 29 -9.09 -0.47 23.58
CA LEU D 29 -9.96 0.62 23.15
C LEU D 29 -10.78 0.25 21.93
N GLU D 30 -10.18 -0.47 20.99
CA GLU D 30 -10.97 -1.01 19.87
C GLU D 30 -12.17 -1.79 20.37
N ARG D 31 -11.91 -2.75 21.27
CA ARG D 31 -13.04 -3.53 21.78
C ARG D 31 -14.08 -2.64 22.45
N LEU D 32 -13.64 -1.58 23.14
CA LEU D 32 -14.58 -0.71 23.83
C LEU D 32 -15.41 0.11 22.84
N LYS D 33 -14.78 0.56 21.75
CA LYS D 33 -15.50 1.30 20.73
C LYS D 33 -16.55 0.42 20.05
N SER D 34 -16.19 -0.84 19.78
CA SER D 34 -17.12 -1.71 19.05
C SER D 34 -18.21 -2.27 19.95
N SER D 35 -17.90 -2.58 21.21
CA SER D 35 -18.85 -3.28 22.07
C SER D 35 -19.67 -2.35 22.96
N ALA D 36 -19.17 -1.15 23.24
CA ALA D 36 -19.88 -0.19 24.10
C ALA D 36 -19.75 1.22 23.54
N PRO D 37 -20.19 1.45 22.29
CA PRO D 37 -20.03 2.79 21.72
C PRO D 37 -20.79 3.87 22.47
N SER D 38 -21.87 3.52 23.16
CA SER D 38 -22.58 4.51 23.96
C SER D 38 -21.89 4.82 25.27
N THR D 39 -20.87 4.06 25.65
CA THR D 39 -20.03 4.42 26.79
C THR D 39 -18.81 5.18 26.29
N PHE D 40 -18.53 6.31 26.94
CA PHE D 40 -17.35 7.08 26.60
C PHE D 40 -16.09 6.37 27.08
N SER D 41 -15.13 6.21 26.19
CA SER D 41 -13.86 5.56 26.49
C SER D 41 -12.71 6.42 26.02
N LYS D 42 -11.59 6.39 26.75
CA LYS D 42 -10.46 7.27 26.47
C LYS D 42 -9.20 6.71 27.12
N LEU D 43 -8.08 6.85 26.42
CA LEU D 43 -6.77 6.49 26.95
C LEU D 43 -6.04 7.76 27.40
N ILE D 44 -5.50 7.73 28.61
CA ILE D 44 -4.69 8.80 29.16
C ILE D 44 -3.31 8.24 29.46
N HIS D 45 -2.28 9.01 29.11
CA HIS D 45 -0.89 8.63 29.36
C HIS D 45 -0.39 9.31 30.62
N LEU D 46 0.16 8.54 31.54
CA LEU D 46 0.77 9.12 32.73
C LEU D 46 1.88 10.10 32.37
N THR D 47 2.47 9.99 31.18
CA THR D 47 3.49 10.93 30.77
C THR D 47 2.95 12.35 30.62
N SER D 48 1.63 12.52 30.47
CA SER D 48 1.05 13.86 30.48
C SER D 48 1.13 14.53 31.84
N PHE D 49 1.55 13.79 32.89
CA PHE D 49 1.73 14.34 34.23
C PHE D 49 3.20 14.47 34.60
N LEU D 50 4.09 14.37 33.62
CA LEU D 50 5.48 14.73 33.86
C LEU D 50 5.58 16.21 34.20
N TYR D 51 6.45 16.54 35.16
CA TYR D 51 6.75 17.94 35.42
C TYR D 51 7.25 18.60 34.15
N PRO D 52 6.92 19.87 33.93
CA PRO D 52 7.45 20.58 32.76
C PRO D 52 8.97 20.57 32.77
N ASN D 53 9.56 20.31 31.59
CA ASN D 53 11.01 20.31 31.41
C ASN D 53 11.69 19.18 32.20
N SER D 54 11.00 18.05 32.33
CA SER D 54 11.63 16.88 32.94
C SER D 54 12.65 16.29 31.97
N VAL D 55 13.80 15.87 32.48
CA VAL D 55 14.82 15.30 31.60
C VAL D 55 14.66 13.79 31.51
N ASP D 56 14.22 13.14 32.59
CA ASP D 56 14.17 11.69 32.70
C ASP D 56 12.70 11.26 32.78
N ARG D 57 12.18 10.75 31.67
CA ARG D 57 10.79 10.31 31.60
C ARG D 57 10.53 9.02 32.38
N TYR D 58 11.57 8.28 32.75
CA TYR D 58 11.40 7.02 33.46
C TYR D 58 11.35 7.19 34.97
N ALA D 59 12.01 8.21 35.50
CA ALA D 59 12.19 8.34 36.94
C ALA D 59 10.90 8.77 37.62
N LEU D 60 10.59 8.12 38.74
CA LEU D 60 9.41 8.49 39.52
C LEU D 60 9.46 9.95 39.95
N SER D 61 10.67 10.46 40.22
CA SER D 61 10.83 11.83 40.70
C SER D 61 10.33 12.86 39.70
N SER D 62 10.15 12.50 38.44
CA SER D 62 9.74 13.45 37.40
C SER D 62 8.23 13.59 37.27
N TYR D 63 7.44 12.89 38.09
CA TYR D 63 6.00 12.84 37.90
C TYR D 63 5.29 13.61 39.00
N ASP D 64 4.38 14.50 38.60
CA ASP D 64 3.50 15.21 39.52
C ASP D 64 2.39 14.27 39.94
N ILE D 65 2.61 13.55 41.04
CA ILE D 65 1.65 12.54 41.47
C ILE D 65 0.40 13.18 42.06
N GLU D 66 0.54 14.33 42.74
CA GLU D 66 -0.63 14.98 43.32
C GLU D 66 -1.59 15.48 42.23
N ALA D 67 -1.06 16.06 41.15
CA ALA D 67 -1.92 16.45 40.05
C ALA D 67 -2.65 15.25 39.48
N PHE D 68 -1.97 14.09 39.43
CA PHE D 68 -2.61 12.88 38.94
C PHE D 68 -3.72 12.42 39.87
N LYS D 69 -3.48 12.47 41.19
CA LYS D 69 -4.53 12.14 42.15
C LYS D 69 -5.74 13.04 41.98
N LYS D 70 -5.49 14.34 41.78
CA LYS D 70 -6.58 15.27 41.57
C LYS D 70 -7.39 14.92 40.33
N VAL D 71 -6.70 14.55 39.23
CA VAL D 71 -7.42 14.18 38.02
C VAL D 71 -8.25 12.91 38.23
N LEU D 72 -7.67 11.92 38.91
CA LEU D 72 -8.42 10.71 39.22
C LEU D 72 -9.70 11.03 40.00
N SER D 73 -9.57 11.86 41.03
CA SER D 73 -10.74 12.24 41.83
C SER D 73 -11.77 12.97 40.98
N LEU D 74 -11.32 13.88 40.11
CA LEU D 74 -12.27 14.62 39.28
C LEU D 74 -13.02 13.69 38.33
N ILE D 75 -12.34 12.68 37.79
CA ILE D 75 -13.02 11.72 36.92
C ILE D 75 -14.05 10.94 37.71
N SER D 76 -13.67 10.43 38.89
CA SER D 76 -14.64 9.71 39.71
C SER D 76 -15.83 10.58 40.12
N GLN D 77 -15.59 11.87 40.36
CA GLN D 77 -16.63 12.78 40.80
C GLN D 77 -17.56 13.21 39.67
N GLY D 78 -17.33 12.76 38.45
CA GLY D 78 -18.18 13.12 37.33
C GLY D 78 -17.84 14.43 36.65
N ALA D 79 -16.62 14.93 36.83
CA ALA D 79 -16.23 16.18 36.19
C ALA D 79 -16.36 16.07 34.67
N GLU D 80 -16.54 17.22 34.03
CA GLU D 80 -16.72 17.28 32.58
C GLU D 80 -15.47 17.71 31.83
N LYS D 81 -14.54 18.37 32.50
CA LYS D 81 -13.30 18.81 31.89
C LYS D 81 -12.16 18.52 32.84
N ILE D 82 -11.07 17.96 32.31
CA ILE D 82 -9.86 17.73 33.09
C ILE D 82 -8.69 18.28 32.31
N CYS D 83 -7.82 19.03 32.95
CA CYS D 83 -6.63 19.52 32.29
C CYS D 83 -5.40 18.89 32.93
N LEU D 84 -4.43 18.54 32.09
CA LEU D 84 -3.27 17.78 32.48
C LEU D 84 -2.01 18.66 32.42
N PRO D 85 -0.98 18.33 33.21
CA PRO D 85 0.27 19.11 33.16
C PRO D 85 0.84 19.23 31.77
N ASP D 86 0.49 18.29 30.89
CA ASP D 86 0.82 18.35 29.47
C ASP D 86 0.57 19.73 28.85
N GLY D 87 -0.51 20.38 29.26
CA GLY D 87 -1.15 21.41 28.45
C GLY D 87 -2.45 20.95 27.82
N SER D 88 -2.69 19.64 27.79
CA SER D 88 -3.90 19.07 27.22
C SER D 88 -5.08 19.29 28.15
N CYS D 89 -6.25 19.48 27.58
CA CYS D 89 -7.49 19.40 28.31
C CYS D 89 -8.41 18.42 27.61
N ILE D 90 -9.14 17.64 28.40
CA ILE D 90 -9.95 16.52 27.94
C ILE D 90 -11.38 16.78 28.38
N LYS D 91 -12.29 16.75 27.41
CA LYS D 91 -13.71 16.86 27.68
C LYS D 91 -14.25 15.48 28.03
N LEU D 92 -14.86 15.36 29.20
CA LEU D 92 -15.48 14.11 29.64
C LEU D 92 -16.99 14.30 29.62
N PRO D 93 -17.72 13.60 28.76
CA PRO D 93 -19.16 13.85 28.65
C PRO D 93 -19.90 13.47 29.92
N VAL D 94 -21.02 14.17 30.16
CA VAL D 94 -21.86 13.93 31.32
C VAL D 94 -23.20 13.32 30.94
N ASP D 95 -23.44 13.03 29.66
CA ASP D 95 -24.63 12.32 29.23
C ASP D 95 -24.33 10.85 28.93
N GLN D 96 -23.16 10.37 29.33
CA GLN D 96 -22.78 8.97 29.20
C GLN D 96 -22.01 8.55 30.43
N ASN D 97 -22.00 7.25 30.70
CA ASN D 97 -21.01 6.72 31.60
C ASN D 97 -19.65 6.70 30.90
N ARG D 98 -18.60 6.63 31.70
CA ARG D 98 -17.25 6.80 31.19
C ARG D 98 -16.34 5.68 31.69
N ILE D 99 -15.51 5.16 30.81
CA ILE D 99 -14.42 4.27 31.18
C ILE D 99 -13.13 4.89 30.69
N ILE D 100 -12.25 5.22 31.61
CA ILE D 100 -10.96 5.85 31.29
C ILE D 100 -9.87 4.81 31.48
N LEU D 101 -9.18 4.50 30.39
CA LEU D 101 -7.95 3.71 30.48
C LEU D 101 -6.78 4.64 30.75
N ILE D 102 -5.93 4.27 31.71
CA ILE D 102 -4.75 5.05 32.04
C ILE D 102 -3.54 4.14 32.00
N GLU D 103 -2.45 4.64 31.43
CA GLU D 103 -1.30 3.84 31.05
C GLU D 103 -0.03 4.55 31.51
N GLY D 104 0.85 3.83 32.20
CA GLY D 104 2.10 4.43 32.62
C GLY D 104 2.86 3.58 33.61
N TYR D 105 4.05 4.09 33.96
CA TYR D 105 5.00 3.34 34.77
C TYR D 105 4.56 3.22 36.22
N TYR D 106 3.96 4.27 36.77
CA TYR D 106 3.84 4.41 38.22
C TYR D 106 2.38 4.42 38.66
N LEU D 107 1.51 3.74 37.91
CA LEU D 107 0.09 3.72 38.23
C LEU D 107 -0.19 2.98 39.52
N LEU D 108 0.65 2.02 39.88
CA LEU D 108 0.36 1.12 41.00
C LEU D 108 1.11 1.50 42.27
N LEU D 109 1.42 2.77 42.45
CA LEU D 109 1.90 3.22 43.75
C LEU D 109 0.84 2.93 44.80
N PRO D 110 1.23 2.43 45.98
CA PRO D 110 0.23 2.19 47.04
C PRO D 110 -0.73 3.37 47.20
N GLU D 111 -0.16 4.56 47.29
CA GLU D 111 -0.90 5.81 47.43
C GLU D 111 -2.02 5.97 46.41
N LEU D 112 -1.88 5.35 45.24
CA LEU D 112 -2.87 5.51 44.17
C LEU D 112 -3.92 4.41 44.11
N LEU D 113 -3.68 3.27 44.76
CA LEU D 113 -4.52 2.09 44.54
C LEU D 113 -6.02 2.31 44.74
N PRO D 114 -6.50 3.08 45.73
CA PRO D 114 -7.96 3.15 45.94
C PRO D 114 -8.72 3.87 44.83
N TYR D 115 -8.06 4.58 43.93
CA TYR D 115 -8.77 5.34 42.90
C TYR D 115 -9.22 4.48 41.72
N TYR D 116 -8.62 3.31 41.54
CA TYR D 116 -8.85 2.52 40.35
C TYR D 116 -10.05 1.60 40.50
N THR D 117 -10.83 1.50 39.43
CA THR D 117 -11.82 0.42 39.36
C THR D 117 -11.13 -0.91 39.11
N SER D 118 -10.10 -0.94 38.26
CA SER D 118 -9.37 -2.18 38.06
C SER D 118 -7.89 -1.89 37.81
N LYS D 119 -7.04 -2.87 38.13
CA LYS D 119 -5.59 -2.69 38.15
C LYS D 119 -4.88 -3.82 37.42
N ILE D 120 -4.10 -3.46 36.40
CA ILE D 120 -3.42 -4.40 35.52
C ILE D 120 -1.94 -4.02 35.45
N PHE D 121 -1.07 -5.03 35.48
CA PHE D 121 0.36 -4.83 35.26
C PHE D 121 0.80 -5.64 34.06
N VAL D 122 1.29 -4.95 33.03
CA VAL D 122 1.85 -5.57 31.83
C VAL D 122 3.26 -6.03 32.16
N TYR D 123 3.44 -7.35 32.32
CA TYR D 123 4.73 -7.91 32.70
C TYR D 123 5.49 -8.37 31.48
N GLU D 124 6.71 -7.89 31.32
CA GLU D 124 7.61 -8.35 30.28
C GLU D 124 9.03 -8.36 30.82
N ASP D 125 9.80 -9.37 30.43
CA ASP D 125 11.16 -9.50 30.91
C ASP D 125 12.04 -8.39 30.36
N ALA D 126 13.11 -8.09 31.09
CA ALA D 126 13.96 -6.96 30.75
C ALA D 126 14.58 -7.11 29.37
N ASP D 127 14.96 -8.34 28.99
CA ASP D 127 15.56 -8.53 27.68
C ASP D 127 14.53 -8.36 26.56
N THR D 128 13.31 -8.87 26.74
CA THR D 128 12.29 -8.68 25.72
C THR D 128 11.92 -7.20 25.59
N ARG D 129 11.93 -6.47 26.70
CA ARG D 129 11.64 -5.05 26.64
C ARG D 129 12.76 -4.29 25.94
N LEU D 130 14.02 -4.66 26.21
CA LEU D 130 15.12 -4.05 25.47
C LEU D 130 15.04 -4.39 23.98
N GLU D 131 14.57 -5.60 23.66
CA GLU D 131 14.41 -5.98 22.26
C GLU D 131 13.37 -5.11 21.58
N ARG D 132 12.22 -4.90 22.23
CA ARG D 132 11.23 -3.99 21.66
C ARG D 132 11.80 -2.59 21.48
N CYS D 133 12.53 -2.10 22.49
CA CYS D 133 13.15 -0.78 22.40
C CYS D 133 14.06 -0.68 21.18
N VAL D 134 14.92 -1.70 21.00
CA VAL D 134 15.86 -1.68 19.90
C VAL D 134 15.14 -1.77 18.55
N LEU D 135 14.12 -2.64 18.46
CA LEU D 135 13.42 -2.82 17.20
C LEU D 135 12.65 -1.56 16.80
N GLN D 136 12.11 -0.85 17.79
CA GLN D 136 11.41 0.39 17.48
C GLN D 136 12.39 1.49 17.11
N ARG D 137 13.37 1.76 17.98
CA ARG D 137 14.22 2.94 17.85
C ARG D 137 15.40 2.75 16.91
N VAL D 138 15.88 1.52 16.71
CA VAL D 138 17.05 1.27 15.87
C VAL D 138 16.64 0.69 14.52
N LYS D 139 15.86 -0.39 14.51
CA LYS D 139 15.51 -1.03 13.25
C LYS D 139 14.52 -0.19 12.46
N ALA D 140 13.48 0.32 13.10
CA ALA D 140 12.43 1.05 12.40
C ALA D 140 12.78 2.52 12.20
N GLU D 141 13.24 3.20 13.25
CA GLU D 141 13.50 4.63 13.20
C GLU D 141 14.95 4.98 12.93
N LYS D 142 15.80 3.97 12.71
CA LYS D 142 17.19 4.16 12.27
C LYS D 142 17.99 5.03 13.24
N GLY D 143 17.65 4.97 14.52
CA GLY D 143 18.45 5.66 15.52
C GLY D 143 19.77 4.97 15.75
N ASP D 144 20.60 5.57 16.59
CA ASP D 144 21.93 5.05 16.85
C ASP D 144 21.86 3.97 17.94
N LEU D 145 22.40 2.80 17.63
CA LEU D 145 22.24 1.63 18.49
C LEU D 145 22.83 1.87 19.88
N THR D 146 24.05 2.43 19.95
CA THR D 146 24.72 2.58 21.23
C THR D 146 23.98 3.58 22.13
N LYS D 147 23.52 4.70 21.57
CA LYS D 147 22.78 5.67 22.37
C LYS D 147 21.46 5.10 22.86
N VAL D 148 20.81 4.27 22.04
CA VAL D 148 19.54 3.67 22.44
C VAL D 148 19.75 2.68 23.58
N LEU D 149 20.76 1.82 23.44
CA LEU D 149 21.12 0.90 24.52
C LEU D 149 21.43 1.66 25.80
N ASN D 150 22.17 2.77 25.69
CA ASN D 150 22.57 3.51 26.89
C ASN D 150 21.38 4.19 27.54
N ASP D 151 20.47 4.76 26.75
CA ASP D 151 19.25 5.32 27.32
C ASP D 151 18.49 4.26 28.10
N PHE D 152 18.32 3.07 27.50
CA PHE D 152 17.60 2.00 28.19
C PHE D 152 18.31 1.63 29.50
N VAL D 153 19.61 1.34 29.43
CA VAL D 153 20.28 0.67 30.54
C VAL D 153 20.63 1.65 31.65
N THR D 154 21.08 2.86 31.32
CA THR D 154 21.50 3.79 32.35
C THR D 154 20.33 4.60 32.93
N LEU D 155 19.25 4.80 32.19
CA LEU D 155 18.13 5.60 32.67
C LEU D 155 16.88 4.78 32.95
N SER D 156 16.45 3.92 32.02
CA SER D 156 15.20 3.20 32.22
C SER D 156 15.37 2.05 33.20
N LYS D 157 16.54 1.40 33.18
CA LYS D 157 16.74 0.21 34.02
C LYS D 157 16.78 0.56 35.50
N PRO D 158 17.51 1.58 35.97
CA PRO D 158 17.45 1.87 37.42
C PRO D 158 16.08 2.27 37.89
N ALA D 159 15.35 3.04 37.07
CA ALA D 159 13.97 3.39 37.40
C ALA D 159 13.10 2.14 37.53
N TYR D 160 13.21 1.21 36.57
CA TYR D 160 12.39 0.01 36.65
C TYR D 160 12.78 -0.82 37.87
N ASP D 161 14.07 -0.97 38.12
CA ASP D 161 14.52 -1.85 39.20
C ASP D 161 14.12 -1.30 40.56
N SER D 162 14.20 0.01 40.76
CA SER D 162 13.98 0.56 42.08
C SER D 162 12.52 0.95 42.36
N SER D 163 11.76 1.36 41.35
CA SER D 163 10.47 1.98 41.63
C SER D 163 9.28 1.33 40.94
N ILE D 164 9.47 0.75 39.76
CA ILE D 164 8.34 0.18 39.02
C ILE D 164 8.10 -1.27 39.43
N HIS D 165 9.15 -2.09 39.30
CA HIS D 165 9.02 -3.53 39.58
C HIS D 165 8.33 -3.85 40.90
N PRO D 166 8.70 -3.25 42.05
CA PRO D 166 8.05 -3.66 43.31
C PRO D 166 6.56 -3.32 43.39
N THR D 167 6.02 -2.53 42.47
CA THR D 167 4.57 -2.29 42.47
C THR D 167 3.79 -3.34 41.70
N ARG D 168 4.46 -4.24 40.98
CA ARG D 168 3.74 -5.11 40.06
C ARG D 168 2.70 -5.97 40.78
N GLU D 169 2.98 -6.39 42.02
CA GLU D 169 2.04 -7.26 42.71
C GLU D 169 0.87 -6.51 43.33
N ASN D 170 0.79 -5.18 43.16
CA ASN D 170 -0.40 -4.45 43.55
C ASN D 170 -1.53 -4.58 42.54
N ALA D 171 -1.25 -5.16 41.38
CA ALA D 171 -2.27 -5.31 40.35
C ALA D 171 -3.27 -6.39 40.72
N ASP D 172 -4.50 -6.23 40.23
CA ASP D 172 -5.45 -7.33 40.26
C ASP D 172 -5.07 -8.38 39.23
N ILE D 173 -4.65 -7.95 38.05
CA ILE D 173 -4.33 -8.84 36.95
C ILE D 173 -2.95 -8.50 36.42
N ILE D 174 -2.07 -9.50 36.36
CA ILE D 174 -0.78 -9.37 35.70
C ILE D 174 -0.87 -10.06 34.35
N LEU D 175 -0.57 -9.32 33.29
CA LEU D 175 -0.65 -9.84 31.93
C LEU D 175 0.75 -10.12 31.41
N PRO D 176 1.17 -11.39 31.33
CA PRO D 176 2.47 -11.68 30.74
C PRO D 176 2.44 -11.49 29.23
N GLN D 177 3.46 -10.82 28.72
CA GLN D 177 3.52 -10.40 27.33
C GLN D 177 4.16 -11.48 26.47
N LYS D 178 3.61 -11.67 25.27
CA LYS D 178 4.11 -12.68 24.34
C LYS D 178 3.96 -12.17 22.91
N GLU D 179 4.36 -13.02 21.95
CA GLU D 179 4.12 -12.72 20.56
C GLU D 179 2.63 -12.56 20.28
N ASN D 180 1.82 -13.47 20.80
CA ASN D 180 0.37 -13.42 20.66
C ASN D 180 -0.27 -13.45 22.04
N ILE D 181 -1.07 -12.43 22.34
CA ILE D 181 -1.73 -12.31 23.63
C ILE D 181 -3.23 -12.18 23.45
N ASP D 182 -3.76 -12.73 22.35
CA ASP D 182 -5.17 -12.55 22.03
C ASP D 182 -6.08 -13.10 23.14
N THR D 183 -5.71 -14.24 23.73
CA THR D 183 -6.51 -14.82 24.80
C THR D 183 -6.54 -13.90 26.02
N ALA D 184 -5.39 -13.38 26.42
CA ALA D 184 -5.35 -12.43 27.53
C ALA D 184 -6.12 -11.16 27.19
N LEU D 185 -6.04 -10.73 25.93
CA LEU D 185 -6.81 -9.57 25.48
C LEU D 185 -8.30 -9.79 25.69
N LEU D 186 -8.80 -10.99 25.40
CA LEU D 186 -10.23 -11.22 25.54
C LEU D 186 -10.61 -11.42 27.01
N PHE D 187 -9.71 -12.01 27.81
CA PHE D 187 -9.94 -12.01 29.26
C PHE D 187 -10.16 -10.59 29.77
N VAL D 188 -9.27 -9.67 29.39
CA VAL D 188 -9.35 -8.31 29.92
C VAL D 188 -10.53 -7.55 29.32
N SER D 189 -10.81 -7.75 28.03
CA SER D 189 -11.93 -7.05 27.42
C SER D 189 -13.26 -7.55 27.97
N GLN D 190 -13.39 -8.85 28.20
CA GLN D 190 -14.56 -9.40 28.86
C GLN D 190 -14.70 -8.84 30.28
N HIS D 191 -13.57 -8.69 30.98
CA HIS D 191 -13.61 -8.09 32.31
C HIS D 191 -14.11 -6.65 32.24
N LEU D 192 -13.64 -5.87 31.27
CA LEU D 192 -14.07 -4.48 31.14
C LEU D 192 -15.54 -4.39 30.75
N GLN D 193 -16.00 -5.33 29.91
CA GLN D 193 -17.41 -5.38 29.57
C GLN D 193 -18.26 -5.74 30.78
N ASP D 194 -17.75 -6.60 31.65
CA ASP D 194 -18.46 -6.89 32.90
C ASP D 194 -18.53 -5.65 33.79
N ILE D 195 -17.43 -4.89 33.84
CA ILE D 195 -17.44 -3.65 34.62
C ILE D 195 -18.51 -2.70 34.10
N LEU D 196 -18.59 -2.53 32.78
CA LEU D 196 -19.57 -1.59 32.23
C LEU D 196 -20.99 -2.12 32.37
N ALA D 197 -21.16 -3.44 32.25
CA ALA D 197 -22.47 -4.04 32.47
C ALA D 197 -23.00 -3.73 33.87
N GLU D 198 -22.13 -3.88 34.89
CA GLU D 198 -22.57 -3.49 36.24
C GLU D 198 -22.71 -1.99 36.38
N MET D 199 -21.87 -1.22 35.68
CA MET D 199 -21.97 0.24 35.73
C MET D 199 -23.21 0.75 35.03
N ASN D 200 -23.65 0.03 33.99
CA ASN D 200 -24.85 0.43 33.26
C ASN D 200 -25.99 -0.54 33.54
#